data_5KOL
#
_entry.id   5KOL
#
_cell.length_a   76.690
_cell.length_b   89.150
_cell.length_c   245.220
_cell.angle_alpha   90.00
_cell.angle_beta   90.00
_cell.angle_gamma   90.00
#
_symmetry.space_group_name_H-M   'C 2 2 21'
#
loop_
_entity.id
_entity.type
_entity.pdbx_description
1 polymer 'Uncharacterized protein'
2 non-polymer 'CHLORIDE ION'
3 non-polymer GLYCEROL
4 non-polymer 'ACETATE ION'
5 water water
#
_entity_poly.entity_id   1
_entity_poly.type   'polypeptide(L)'
_entity_poly.pdbx_seq_one_letter_code
;GMNINRNKIVQLADTDTIENLTSALSQRLIADQLRLTTAESCTGGKLASALCAAEDTPKFYGAGFVTFTDQAKMKILSVS
QQSLERYSAVSEKVAAEMATGAIERADADVSIAITGYGGPEGGEDGTPAGTVWFAWHIKGQNYTAVMHFAGDCETVLALA
VRFALAQLLQLLL
;
_entity_poly.pdbx_strand_id   A,B,C,D
#
# COMPACT_ATOMS: atom_id res chain seq x y z
N GLY A 1 10.26 14.54 26.95
CA GLY A 1 11.69 14.58 27.23
C GLY A 1 12.46 13.54 26.44
N MET A 2 13.33 13.99 25.54
CA MET A 2 14.02 13.14 24.58
C MET A 2 15.40 12.73 25.12
N ASN A 3 15.59 11.42 25.34
CA ASN A 3 16.88 10.88 25.78
C ASN A 3 17.75 10.60 24.57
N ILE A 4 18.99 11.08 24.58
CA ILE A 4 19.83 11.08 23.39
C ILE A 4 21.05 10.17 23.53
N ASN A 5 21.09 9.30 24.55
CA ASN A 5 22.25 8.45 24.76
C ASN A 5 22.48 7.48 23.60
N ARG A 6 21.44 7.12 22.88
CA ARG A 6 21.60 6.16 21.79
C ARG A 6 21.77 6.82 20.42
N ASN A 7 21.59 8.14 20.34
CA ASN A 7 21.79 8.89 19.09
C ASN A 7 23.30 9.06 18.84
N LYS A 8 23.94 7.97 18.45
CA LYS A 8 25.31 8.00 17.95
C LYS A 8 25.30 7.47 16.52
N ILE A 9 25.96 8.19 15.62
CA ILE A 9 26.23 7.69 14.28
C ILE A 9 27.33 6.63 14.40
N VAL A 10 27.00 5.37 14.15
CA VAL A 10 28.00 4.32 14.32
C VAL A 10 29.14 4.54 13.34
N GLN A 11 30.35 4.28 13.81
CA GLN A 11 31.55 4.33 12.97
CA GLN A 11 31.54 4.34 12.96
C GLN A 11 31.94 2.90 12.65
N LEU A 12 31.76 2.48 11.39
CA LEU A 12 31.98 1.09 11.03
CA LEU A 12 31.98 1.09 11.02
C LEU A 12 33.42 0.68 11.29
N ALA A 13 33.58 -0.47 11.93
CA ALA A 13 34.88 -1.08 12.19
C ALA A 13 35.02 -2.34 11.33
N ASP A 14 36.27 -2.78 11.14
CA ASP A 14 36.46 -3.99 10.35
C ASP A 14 35.77 -5.20 10.97
N THR A 15 35.51 -5.19 12.28
CA THR A 15 34.75 -6.28 12.89
C THR A 15 33.27 -6.21 12.54
N ASP A 16 32.78 -5.07 12.04
CA ASP A 16 31.39 -4.95 11.60
C ASP A 16 31.22 -5.50 10.18
N THR A 17 31.52 -6.79 10.02
CA THR A 17 31.26 -7.46 8.75
C THR A 17 29.76 -7.73 8.61
N ILE A 18 29.32 -7.95 7.37
CA ILE A 18 27.93 -8.38 7.17
C ILE A 18 27.61 -9.59 8.04
N GLU A 19 28.54 -10.54 8.08
CA GLU A 19 28.32 -11.78 8.82
C GLU A 19 28.11 -11.50 10.30
N ASN A 20 29.01 -10.72 10.92
CA ASN A 20 28.94 -10.47 12.36
C ASN A 20 27.74 -9.61 12.72
N LEU A 21 27.39 -8.64 11.86
CA LEU A 21 26.25 -7.78 12.13
C LEU A 21 24.95 -8.56 12.09
N THR A 22 24.77 -9.43 11.08
CA THR A 22 23.52 -10.18 10.98
C THR A 22 23.46 -11.26 12.05
N SER A 23 24.62 -11.73 12.51
CA SER A 23 24.65 -12.63 13.67
C SER A 23 24.06 -11.95 14.89
N ALA A 24 24.53 -10.75 15.21
CA ALA A 24 24.00 -10.05 16.38
C ALA A 24 22.53 -9.69 16.17
N LEU A 25 22.21 -9.17 14.98
CA LEU A 25 20.86 -8.69 14.73
C LEU A 25 19.84 -9.81 14.72
N SER A 26 20.18 -10.96 14.10
CA SER A 26 19.22 -12.05 14.04
C SER A 26 18.86 -12.54 15.43
N GLN A 27 19.85 -12.76 16.28
CA GLN A 27 19.53 -13.32 17.59
C GLN A 27 18.84 -12.30 18.47
N ARG A 28 19.10 -11.01 18.27
CA ARG A 28 18.42 -9.98 19.03
C ARG A 28 16.94 -9.92 18.68
N LEU A 29 16.61 -9.92 17.39
CA LEU A 29 15.21 -9.81 16.99
C LEU A 29 14.44 -11.10 17.30
N ILE A 30 15.09 -12.26 17.16
CA ILE A 30 14.45 -13.51 17.54
C ILE A 30 14.14 -13.50 19.04
N ALA A 31 15.08 -13.03 19.85
CA ALA A 31 14.86 -12.97 21.28
C ALA A 31 13.70 -12.04 21.61
N ASP A 32 13.60 -10.93 20.90
CA ASP A 32 12.53 -9.96 21.12
C ASP A 32 11.24 -10.34 20.42
N GLN A 33 11.22 -11.46 19.69
CA GLN A 33 10.06 -11.87 18.90
C GLN A 33 9.57 -10.73 18.00
N LEU A 34 10.51 -10.08 17.34
CA LEU A 34 10.23 -8.98 16.41
C LEU A 34 10.48 -9.44 14.97
N ARG A 35 9.66 -8.94 14.05
CA ARG A 35 9.76 -9.29 12.64
C ARG A 35 10.25 -8.09 11.82
N LEU A 36 11.29 -8.30 11.04
CA LEU A 36 11.97 -7.25 10.29
C LEU A 36 11.52 -7.26 8.83
N THR A 37 11.46 -6.08 8.22
CA THR A 37 11.27 -5.93 6.80
C THR A 37 12.21 -4.83 6.31
N THR A 38 12.50 -4.82 5.02
CA THR A 38 13.48 -3.90 4.44
C THR A 38 12.94 -3.31 3.14
N ALA A 39 13.41 -2.10 2.84
CA ALA A 39 13.07 -1.38 1.62
C ALA A 39 14.36 -0.75 1.11
N GLU A 40 14.72 -0.98 -0.14
CA GLU A 40 15.97 -0.39 -0.61
C GLU A 40 15.84 0.05 -2.06
N SER A 41 16.69 1.01 -2.42
CA SER A 41 16.74 1.47 -3.79
C SER A 41 18.12 1.23 -4.42
N CYS A 42 19.07 2.13 -4.14
CA CYS A 42 20.39 2.06 -4.76
C CYS A 42 21.13 0.76 -4.42
N THR A 43 20.91 0.19 -3.22
CA THR A 43 21.62 -1.04 -2.87
C THR A 43 21.05 -2.28 -3.56
N GLY A 44 19.88 -2.15 -4.22
CA GLY A 44 19.46 -3.08 -5.26
C GLY A 44 18.95 -4.43 -4.81
N GLY A 45 18.85 -4.68 -3.51
CA GLY A 45 18.58 -6.02 -3.03
C GLY A 45 19.72 -6.62 -2.23
N LYS A 46 20.84 -5.92 -2.11
CA LYS A 46 21.99 -6.46 -1.39
C LYS A 46 21.78 -6.43 0.13
N LEU A 47 20.92 -5.53 0.65
CA LEU A 47 20.57 -5.60 2.06
C LEU A 47 19.73 -6.84 2.37
N ALA A 48 18.69 -7.06 1.55
CA ALA A 48 17.90 -8.28 1.65
C ALA A 48 18.78 -9.52 1.54
N SER A 49 19.71 -9.52 0.58
CA SER A 49 20.61 -10.66 0.42
CA SER A 49 20.63 -10.65 0.42
C SER A 49 21.46 -10.88 1.67
N ALA A 50 21.89 -9.81 2.32
CA ALA A 50 22.65 -9.96 3.54
C ALA A 50 21.84 -10.68 4.61
N LEU A 51 20.56 -10.32 4.74
CA LEU A 51 19.68 -10.91 5.73
C LEU A 51 19.25 -12.33 5.37
N CYS A 52 19.06 -12.61 4.08
CA CYS A 52 18.69 -13.95 3.67
C CYS A 52 19.83 -14.94 3.83
N ALA A 53 21.08 -14.45 3.87
CA ALA A 53 22.22 -15.29 4.11
C ALA A 53 22.50 -15.49 5.59
N ALA A 54 21.78 -14.77 6.45
CA ALA A 54 21.95 -14.96 7.88
C ALA A 54 21.37 -16.29 8.31
N GLU A 55 21.76 -16.65 9.54
CA GLU A 55 21.30 -17.86 10.16
C GLU A 55 19.88 -17.67 10.64
N ASP A 56 19.04 -18.68 10.45
CA ASP A 56 17.67 -18.64 10.97
C ASP A 56 16.91 -17.39 10.50
N THR A 57 17.19 -16.96 9.27
CA THR A 57 16.41 -15.90 8.60
C THR A 57 14.90 -16.04 8.80
N PRO A 58 14.27 -17.20 8.58
CA PRO A 58 12.80 -17.24 8.60
C PRO A 58 12.21 -16.95 9.96
N LYS A 59 13.01 -17.02 11.03
CA LYS A 59 12.53 -16.71 12.36
C LYS A 59 12.40 -15.21 12.62
N PHE A 60 12.88 -14.36 11.71
CA PHE A 60 12.73 -12.92 11.96
C PHE A 60 12.55 -12.09 10.69
N TYR A 61 12.72 -12.67 9.50
CA TYR A 61 12.72 -11.88 8.28
C TYR A 61 12.06 -12.64 7.14
N GLY A 62 11.08 -12.00 6.48
CA GLY A 62 10.48 -12.62 5.31
C GLY A 62 10.38 -11.72 4.09
N ALA A 63 10.11 -10.43 4.29
CA ALA A 63 9.69 -9.54 3.22
C ALA A 63 10.74 -8.47 2.96
N GLY A 64 11.27 -8.43 1.75
CA GLY A 64 12.17 -7.39 1.32
C GLY A 64 11.66 -6.74 0.05
N PHE A 65 11.76 -5.41 0.00
CA PHE A 65 11.29 -4.66 -1.16
C PHE A 65 12.46 -3.96 -1.81
N VAL A 66 12.54 -4.05 -3.13
CA VAL A 66 13.47 -3.27 -3.93
C VAL A 66 12.63 -2.36 -4.80
N THR A 67 12.83 -1.05 -4.66
CA THR A 67 12.03 -0.05 -5.38
C THR A 67 13.02 0.96 -5.97
N PHE A 68 13.45 0.70 -7.20
CA PHE A 68 14.55 1.45 -7.81
C PHE A 68 14.09 2.77 -8.42
N THR A 69 12.81 2.93 -8.73
CA THR A 69 12.31 4.11 -9.44
C THR A 69 11.31 4.87 -8.59
N ASP A 70 10.99 6.10 -9.03
CA ASP A 70 9.97 6.88 -8.33
C ASP A 70 8.64 6.14 -8.32
N GLN A 71 8.26 5.57 -9.46
CA GLN A 71 6.97 4.90 -9.57
C GLN A 71 6.90 3.68 -8.67
N ALA A 72 7.99 2.91 -8.57
CA ALA A 72 7.97 1.74 -7.70
C ALA A 72 7.84 2.15 -6.24
N LYS A 73 8.53 3.22 -5.83
CA LYS A 73 8.37 3.71 -4.47
C LYS A 73 6.93 4.13 -4.19
N MET A 74 6.29 4.78 -5.17
CA MET A 74 4.91 5.24 -5.00
C MET A 74 3.94 4.07 -4.95
N LYS A 75 4.14 3.05 -5.79
CA LYS A 75 3.17 1.97 -5.89
C LYS A 75 3.32 0.95 -4.76
N ILE A 76 4.57 0.54 -4.48
CA ILE A 76 4.81 -0.53 -3.51
C ILE A 76 4.85 0.00 -2.08
N LEU A 77 5.47 1.17 -1.87
CA LEU A 77 5.72 1.63 -0.50
C LEU A 77 4.90 2.85 -0.13
N SER A 78 3.95 3.26 -0.99
CA SER A 78 3.07 4.37 -0.70
CA SER A 78 3.06 4.37 -0.69
C SER A 78 3.83 5.64 -0.36
N VAL A 79 5.02 5.81 -0.95
CA VAL A 79 5.71 7.10 -0.92
C VAL A 79 4.88 8.09 -1.73
N SER A 80 4.60 9.26 -1.16
CA SER A 80 3.71 10.20 -1.82
C SER A 80 4.44 10.93 -2.95
N GLN A 81 3.72 11.12 -4.05
CA GLN A 81 4.23 11.91 -5.18
C GLN A 81 4.68 13.30 -4.73
N GLN A 82 3.90 13.95 -3.86
CA GLN A 82 4.30 15.27 -3.36
C GLN A 82 5.68 15.23 -2.69
N SER A 83 5.94 14.21 -1.87
CA SER A 83 7.23 14.15 -1.17
CA SER A 83 7.22 14.17 -1.18
C SER A 83 8.38 13.98 -2.14
N LEU A 84 8.19 13.18 -3.19
CA LEU A 84 9.23 12.98 -4.20
C LEU A 84 9.49 14.27 -4.98
N GLU A 85 8.42 14.96 -5.38
CA GLU A 85 8.58 16.24 -6.08
C GLU A 85 9.26 17.30 -5.22
N ARG A 86 8.93 17.37 -3.93
CA ARG A 86 9.53 18.40 -3.09
C ARG A 86 11.00 18.11 -2.79
N TYR A 87 11.33 16.85 -2.51
CA TYR A 87 12.60 16.54 -1.86
C TYR A 87 13.51 15.60 -2.62
N SER A 88 13.07 15.04 -3.75
CA SER A 88 13.77 13.98 -4.49
C SER A 88 13.68 12.65 -3.76
N ALA A 89 13.98 11.54 -4.47
CA ALA A 89 13.95 10.21 -3.87
C ALA A 89 15.06 9.98 -2.86
N VAL A 90 16.17 10.72 -2.96
CA VAL A 90 17.26 10.64 -2.00
C VAL A 90 17.01 11.77 -1.01
N SER A 91 16.26 11.48 0.05
CA SER A 91 15.88 12.54 0.99
C SER A 91 15.47 11.89 2.29
N GLU A 92 15.58 12.68 3.37
CA GLU A 92 15.13 12.23 4.67
C GLU A 92 13.65 11.83 4.66
N LYS A 93 12.82 12.62 3.98
CA LYS A 93 11.39 12.33 3.99
C LYS A 93 11.07 11.03 3.28
N VAL A 94 11.68 10.80 2.10
CA VAL A 94 11.33 9.61 1.33
C VAL A 94 11.84 8.35 2.04
N ALA A 95 13.03 8.43 2.62
CA ALA A 95 13.54 7.29 3.39
C ALA A 95 12.56 6.91 4.50
N ALA A 96 12.09 7.91 5.27
CA ALA A 96 11.12 7.65 6.33
C ALA A 96 9.86 6.99 5.78
N GLU A 97 9.31 7.52 4.69
CA GLU A 97 8.12 6.89 4.09
C GLU A 97 8.41 5.48 3.59
N MET A 98 9.62 5.22 3.06
CA MET A 98 9.88 3.85 2.64
C MET A 98 9.87 2.92 3.83
N ALA A 99 10.39 3.36 4.98
CA ALA A 99 10.41 2.53 6.17
C ALA A 99 9.00 2.26 6.69
N THR A 100 8.11 3.26 6.66
CA THR A 100 6.75 3.00 7.13
C THR A 100 5.93 2.24 6.10
N GLY A 101 6.19 2.48 4.80
CA GLY A 101 5.51 1.70 3.78
C GLY A 101 5.83 0.22 3.87
N ALA A 102 7.10 -0.14 4.14
CA ALA A 102 7.45 -1.55 4.25
C ALA A 102 6.74 -2.18 5.45
N ILE A 103 6.69 -1.46 6.57
CA ILE A 103 5.96 -1.94 7.74
C ILE A 103 4.54 -2.29 7.35
N GLU A 104 3.89 -1.40 6.59
CA GLU A 104 2.49 -1.60 6.22
C GLU A 104 2.32 -2.81 5.31
N ARG A 105 3.10 -2.88 4.25
CA ARG A 105 2.96 -3.96 3.27
CA ARG A 105 2.96 -3.96 3.27
C ARG A 105 3.27 -5.32 3.88
N ALA A 106 4.26 -5.39 4.77
CA ALA A 106 4.72 -6.67 5.28
C ALA A 106 4.05 -7.09 6.57
N ASP A 107 3.31 -6.20 7.23
CA ASP A 107 2.81 -6.45 8.58
C ASP A 107 3.96 -6.87 9.51
N ALA A 108 5.01 -6.05 9.51
CA ALA A 108 6.22 -6.31 10.28
C ALA A 108 6.32 -5.33 11.46
N ASP A 109 7.31 -5.55 12.33
CA ASP A 109 7.50 -4.75 13.53
C ASP A 109 8.66 -3.77 13.45
N VAL A 110 9.70 -4.10 12.67
CA VAL A 110 10.89 -3.30 12.52
C VAL A 110 11.22 -3.18 11.03
N SER A 111 11.72 -2.03 10.60
CA SER A 111 12.11 -1.92 9.20
C SER A 111 13.35 -1.05 9.04
N ILE A 112 14.00 -1.25 7.89
CA ILE A 112 15.18 -0.50 7.45
C ILE A 112 14.90 0.02 6.05
N ALA A 113 15.20 1.29 5.81
CA ALA A 113 15.09 1.86 4.47
C ALA A 113 16.42 2.48 4.02
N ILE A 114 16.77 2.30 2.74
CA ILE A 114 18.01 2.85 2.18
C ILE A 114 17.68 3.50 0.85
N THR A 115 18.05 4.78 0.71
CA THR A 115 17.94 5.45 -0.59
C THR A 115 19.11 6.41 -0.72
N GLY A 116 19.86 6.32 -1.82
CA GLY A 116 21.06 7.14 -1.97
C GLY A 116 21.58 7.20 -3.38
N TYR A 117 22.73 7.89 -3.53
CA TYR A 117 23.49 7.98 -4.78
C TYR A 117 24.78 7.16 -4.63
N GLY A 118 24.79 5.96 -5.22
CA GLY A 118 25.99 5.15 -5.20
C GLY A 118 27.16 5.81 -5.90
N GLY A 119 26.88 6.59 -6.94
CA GLY A 119 27.91 7.25 -7.73
C GLY A 119 28.13 6.56 -9.08
N PRO A 120 28.87 7.20 -10.00
CA PRO A 120 29.66 8.43 -9.93
C PRO A 120 28.85 9.73 -9.95
N GLU A 121 27.60 9.67 -10.39
CA GLU A 121 26.76 10.86 -10.46
C GLU A 121 26.06 11.11 -9.13
N GLY A 122 25.82 12.38 -8.84
CA GLY A 122 25.02 12.82 -7.71
C GLY A 122 23.59 13.17 -8.10
N GLY A 123 22.99 14.08 -7.33
CA GLY A 123 21.63 14.50 -7.59
C GLY A 123 21.55 15.72 -8.50
N GLU A 124 20.40 15.86 -9.15
CA GLU A 124 20.14 17.05 -9.95
C GLU A 124 20.16 18.30 -9.09
N ASP A 125 19.71 18.19 -7.84
CA ASP A 125 19.68 19.30 -6.89
C ASP A 125 21.05 19.61 -6.29
N GLY A 126 22.11 18.95 -6.74
CA GLY A 126 23.44 19.18 -6.23
C GLY A 126 23.88 18.21 -5.15
N THR A 127 22.99 17.36 -4.66
CA THR A 127 23.35 16.34 -3.68
C THR A 127 24.53 15.50 -4.22
N PRO A 128 25.65 15.48 -3.51
CA PRO A 128 26.85 14.83 -4.08
C PRO A 128 26.74 13.32 -4.09
N ALA A 129 27.46 12.71 -5.03
CA ALA A 129 27.56 11.25 -5.06
C ALA A 129 28.11 10.75 -3.73
N GLY A 130 27.63 9.58 -3.29
CA GLY A 130 28.03 9.03 -2.01
C GLY A 130 27.11 9.39 -0.84
N THR A 131 26.15 10.30 -1.05
CA THR A 131 25.15 10.63 -0.05
C THR A 131 24.08 9.54 0.00
N VAL A 132 23.84 8.99 1.19
CA VAL A 132 22.81 7.96 1.37
C VAL A 132 21.97 8.32 2.60
N TRP A 133 20.65 8.37 2.41
CA TRP A 133 19.71 8.56 3.51
C TRP A 133 19.19 7.22 4.01
N PHE A 134 19.05 7.10 5.33
CA PHE A 134 18.59 5.87 5.94
C PHE A 134 17.39 6.16 6.83
N ALA A 135 16.51 5.18 7.00
CA ALA A 135 15.46 5.31 8.00
C ALA A 135 15.22 3.96 8.66
N TRP A 136 14.84 3.99 9.94
CA TRP A 136 14.48 2.79 10.71
C TRP A 136 13.19 3.04 11.47
N HIS A 137 12.30 2.05 11.46
CA HIS A 137 11.09 2.05 12.26
C HIS A 137 11.26 1.03 13.37
N ILE A 138 11.14 1.48 14.61
CA ILE A 138 11.25 0.60 15.78
C ILE A 138 10.19 1.02 16.79
N LYS A 139 9.42 0.05 17.28
CA LYS A 139 8.45 0.26 18.34
C LYS A 139 7.57 1.48 18.06
N GLY A 140 6.95 1.50 16.88
CA GLY A 140 6.06 2.59 16.52
C GLY A 140 6.73 3.93 16.29
N GLN A 141 8.06 3.98 16.26
CA GLN A 141 8.82 5.21 16.14
C GLN A 141 9.73 5.12 14.93
N ASN A 142 10.00 6.28 14.31
CA ASN A 142 10.80 6.34 13.10
C ASN A 142 12.06 7.17 13.33
N TYR A 143 13.18 6.71 12.78
CA TYR A 143 14.47 7.37 12.89
C TYR A 143 15.10 7.53 11.50
N THR A 144 15.92 8.57 11.33
CA THR A 144 16.63 8.79 10.07
C THR A 144 18.07 9.18 10.38
N ALA A 145 18.94 8.97 9.39
CA ALA A 145 20.32 9.43 9.42
C ALA A 145 20.80 9.58 7.98
N VAL A 146 21.69 10.54 7.75
CA VAL A 146 22.33 10.69 6.45
C VAL A 146 23.83 10.43 6.61
N MET A 147 24.43 9.86 5.55
CA MET A 147 25.85 9.56 5.50
C MET A 147 26.44 10.00 4.16
N HIS A 148 27.73 10.32 4.15
CA HIS A 148 28.46 10.67 2.93
C HIS A 148 29.65 9.72 2.80
N PHE A 149 29.50 8.69 1.97
CA PHE A 149 30.52 7.65 1.87
C PHE A 149 31.49 7.98 0.76
N ALA A 150 32.79 7.74 1.01
CA ALA A 150 33.82 7.89 -0.01
C ALA A 150 34.04 6.59 -0.75
N GLY A 151 34.57 6.70 -1.96
CA GLY A 151 34.91 5.55 -2.78
C GLY A 151 33.96 5.43 -3.96
N ASP A 152 34.25 4.42 -4.79
CA ASP A 152 33.44 4.19 -5.97
C ASP A 152 32.09 3.61 -5.57
N CYS A 153 31.27 3.32 -6.58
CA CYS A 153 29.90 2.89 -6.33
C CYS A 153 29.85 1.57 -5.57
N GLU A 154 30.70 0.61 -5.95
CA GLU A 154 30.73 -0.68 -5.27
C GLU A 154 31.04 -0.51 -3.78
N THR A 155 31.99 0.37 -3.47
CA THR A 155 32.39 0.63 -2.09
C THR A 155 31.30 1.34 -1.31
N VAL A 156 30.61 2.28 -1.95
CA VAL A 156 29.55 3.03 -1.28
C VAL A 156 28.38 2.12 -0.92
N LEU A 157 27.95 1.30 -1.89
CA LEU A 157 26.79 0.44 -1.64
C LEU A 157 27.09 -0.61 -0.57
N ALA A 158 28.34 -1.07 -0.49
CA ALA A 158 28.68 -2.06 0.52
C ALA A 158 28.70 -1.43 1.91
N LEU A 159 29.22 -0.20 2.00
CA LEU A 159 29.19 0.50 3.28
C LEU A 159 27.76 0.82 3.71
N ALA A 160 26.89 1.19 2.76
CA ALA A 160 25.50 1.48 3.10
C ALA A 160 24.81 0.27 3.72
N VAL A 161 25.02 -0.91 3.15
CA VAL A 161 24.40 -2.11 3.70
C VAL A 161 24.91 -2.36 5.12
N ARG A 162 26.24 -2.32 5.31
CA ARG A 162 26.78 -2.54 6.66
C ARG A 162 26.30 -1.48 7.64
N PHE A 163 26.26 -0.22 7.21
CA PHE A 163 25.82 0.85 8.10
C PHE A 163 24.35 0.68 8.50
N ALA A 164 23.49 0.36 7.52
CA ALA A 164 22.07 0.17 7.80
C ALA A 164 21.85 -0.85 8.91
N LEU A 165 22.61 -1.95 8.88
CA LEU A 165 22.54 -3.00 9.89
C LEU A 165 23.12 -2.54 11.22
N ALA A 166 24.34 -2.00 11.19
CA ALA A 166 25.02 -1.60 12.43
C ALA A 166 24.24 -0.52 13.17
N GLN A 167 23.64 0.42 12.44
CA GLN A 167 22.89 1.47 13.12
C GLN A 167 21.59 0.93 13.72
N LEU A 168 20.98 -0.10 13.11
CA LEU A 168 19.83 -0.70 13.77
C LEU A 168 20.24 -1.31 15.11
N LEU A 169 21.42 -1.94 15.15
CA LEU A 169 21.95 -2.46 16.40
C LEU A 169 22.07 -1.35 17.43
N GLN A 170 22.61 -0.19 17.04
CA GLN A 170 22.75 0.93 17.96
C GLN A 170 21.38 1.36 18.48
N LEU A 171 20.39 1.46 17.58
CA LEU A 171 19.08 1.92 18.00
C LEU A 171 18.35 0.89 18.86
N LEU A 172 18.78 -0.37 18.83
CA LEU A 172 18.16 -1.42 19.63
C LEU A 172 18.75 -1.53 21.03
N LEU A 173 19.77 -0.76 21.36
CA LEU A 173 20.28 -0.73 22.71
C LEU A 173 19.18 -0.24 23.66
N GLY B 1 1.59 28.51 28.41
CA GLY B 1 0.40 29.33 28.54
C GLY B 1 -0.66 28.96 27.52
N MET B 2 -1.81 28.52 28.01
CA MET B 2 -2.90 28.01 27.18
C MET B 2 -3.93 29.12 26.97
N ASN B 3 -3.97 29.69 25.76
CA ASN B 3 -4.88 30.78 25.43
C ASN B 3 -6.23 30.21 25.01
N ILE B 4 -7.28 30.55 25.77
CA ILE B 4 -8.58 29.94 25.50
C ILE B 4 -9.41 30.72 24.49
N ASN B 5 -9.00 31.94 24.12
CA ASN B 5 -9.64 32.56 22.96
C ASN B 5 -9.34 31.78 21.70
N ARG B 6 -8.09 31.35 21.53
CA ARG B 6 -7.70 30.64 20.32
C ARG B 6 -8.12 29.18 20.38
N ASN B 7 -7.98 28.51 21.52
CA ASN B 7 -8.30 27.09 21.61
C ASN B 7 -9.67 26.82 22.22
N LYS B 8 -10.63 27.70 21.99
CA LYS B 8 -11.95 27.51 22.58
C LYS B 8 -12.69 26.37 21.89
N ILE B 9 -13.54 25.68 22.63
CA ILE B 9 -14.45 24.73 22.00
C ILE B 9 -15.65 25.50 21.47
N VAL B 10 -15.96 25.30 20.18
CA VAL B 10 -17.00 26.08 19.51
C VAL B 10 -18.38 25.54 19.89
N GLN B 11 -19.37 26.43 19.85
CA GLN B 11 -20.76 26.03 19.89
C GLN B 11 -21.35 26.28 18.49
N LEU B 12 -21.98 25.25 17.92
CA LEU B 12 -22.53 25.38 16.58
C LEU B 12 -23.55 26.51 16.55
N ALA B 13 -23.54 27.27 15.46
CA ALA B 13 -24.57 28.28 15.20
C ALA B 13 -25.53 27.75 14.16
N ASP B 14 -26.75 28.30 14.17
CA ASP B 14 -27.75 27.81 13.22
C ASP B 14 -27.42 28.22 11.79
N THR B 15 -26.63 29.28 11.61
CA THR B 15 -26.15 29.65 10.30
C THR B 15 -25.01 28.77 9.83
N ASP B 16 -24.47 27.90 10.70
CA ASP B 16 -23.36 27.04 10.34
C ASP B 16 -23.92 25.85 9.57
N THR B 17 -23.90 25.92 8.26
CA THR B 17 -24.30 24.79 7.43
C THR B 17 -23.07 24.01 6.97
N ILE B 18 -23.32 22.79 6.50
CA ILE B 18 -22.24 21.98 5.92
C ILE B 18 -21.55 22.75 4.80
N GLU B 19 -22.33 23.35 3.90
CA GLU B 19 -21.74 24.08 2.79
C GLU B 19 -20.95 25.29 3.27
N ASN B 20 -21.50 26.05 4.23
CA ASN B 20 -20.81 27.22 4.78
C ASN B 20 -19.48 26.85 5.41
N LEU B 21 -19.49 25.79 6.22
CA LEU B 21 -18.27 25.37 6.90
C LEU B 21 -17.24 24.85 5.92
N THR B 22 -17.67 24.13 4.86
CA THR B 22 -16.67 23.59 3.95
C THR B 22 -16.07 24.69 3.08
N SER B 23 -16.84 25.71 2.71
CA SER B 23 -16.23 26.82 1.98
CA SER B 23 -16.26 26.84 1.99
C SER B 23 -15.26 27.58 2.86
N ALA B 24 -15.61 27.81 4.13
CA ALA B 24 -14.71 28.54 5.01
C ALA B 24 -13.41 27.76 5.26
N LEU B 25 -13.52 26.45 5.48
CA LEU B 25 -12.32 25.62 5.66
C LEU B 25 -11.48 25.59 4.39
N SER B 26 -12.15 25.42 3.25
CA SER B 26 -11.47 25.42 1.95
C SER B 26 -10.65 26.68 1.77
N GLN B 27 -11.21 27.84 2.13
CA GLN B 27 -10.48 29.10 2.03
C GLN B 27 -9.26 29.10 2.94
N ARG B 28 -9.43 28.63 4.18
CA ARG B 28 -8.34 28.68 5.15
C ARG B 28 -7.23 27.70 4.78
N LEU B 29 -7.59 26.45 4.47
CA LEU B 29 -6.58 25.45 4.17
C LEU B 29 -5.81 25.79 2.89
N ILE B 30 -6.50 26.32 1.88
CA ILE B 30 -5.80 26.71 0.66
C ILE B 30 -4.87 27.89 0.94
N ALA B 31 -5.39 28.91 1.64
CA ALA B 31 -4.54 30.03 2.02
C ALA B 31 -3.32 29.56 2.79
N ASP B 32 -3.48 28.59 3.69
CA ASP B 32 -2.37 28.11 4.49
C ASP B 32 -1.52 27.05 3.78
N GLN B 33 -1.92 26.64 2.58
CA GLN B 33 -1.18 25.63 1.80
C GLN B 33 -1.10 24.30 2.56
N LEU B 34 -2.21 23.88 3.14
CA LEU B 34 -2.28 22.66 3.93
C LEU B 34 -3.25 21.67 3.31
N ARG B 35 -2.93 20.38 3.46
CA ARG B 35 -3.79 19.30 2.98
C ARG B 35 -4.42 18.58 4.17
N LEU B 36 -5.69 18.23 4.01
CA LEU B 36 -6.52 17.66 5.06
C LEU B 36 -6.80 16.21 4.76
N THR B 37 -6.88 15.40 5.80
CA THR B 37 -7.38 14.03 5.67
C THR B 37 -8.37 13.78 6.81
N THR B 38 -9.24 12.78 6.63
CA THR B 38 -10.27 12.47 7.61
C THR B 38 -10.37 10.97 7.90
N ALA B 39 -10.75 10.66 9.15
CA ALA B 39 -11.05 9.31 9.62
C ALA B 39 -12.39 9.29 10.32
N GLU B 40 -13.29 8.38 9.88
CA GLU B 40 -14.65 8.32 10.36
C GLU B 40 -15.03 6.92 10.76
N SER B 41 -15.89 6.84 11.77
CA SER B 41 -16.55 5.59 12.11
C SER B 41 -18.06 5.79 11.96
N CYS B 42 -18.72 6.27 13.01
CA CYS B 42 -20.18 6.31 13.03
C CYS B 42 -20.75 7.23 11.94
N THR B 43 -20.03 8.29 11.54
CA THR B 43 -20.56 9.14 10.49
C THR B 43 -20.50 8.49 9.10
N GLY B 44 -19.76 7.40 8.95
CA GLY B 44 -19.90 6.50 7.82
C GLY B 44 -19.40 6.98 6.48
N GLY B 45 -18.75 8.13 6.40
CA GLY B 45 -18.41 8.73 5.12
C GLY B 45 -19.10 10.04 4.86
N LYS B 46 -20.03 10.45 5.73
CA LYS B 46 -20.67 11.75 5.58
C LYS B 46 -19.70 12.90 5.77
N LEU B 47 -18.66 12.73 6.57
CA LEU B 47 -17.68 13.81 6.66
C LEU B 47 -16.88 13.91 5.35
N ALA B 48 -16.40 12.79 4.84
CA ALA B 48 -15.72 12.80 3.55
C ALA B 48 -16.61 13.39 2.45
N SER B 49 -17.90 13.03 2.46
CA SER B 49 -18.81 13.49 1.42
CA SER B 49 -18.83 13.48 1.42
C SER B 49 -18.97 15.00 1.43
N ALA B 50 -19.09 15.59 2.63
CA ALA B 50 -19.19 17.03 2.75
C ALA B 50 -18.00 17.72 2.10
N LEU B 51 -16.80 17.20 2.34
CA LEU B 51 -15.59 17.82 1.81
C LEU B 51 -15.45 17.59 0.32
N CYS B 52 -15.83 16.40 -0.16
CA CYS B 52 -15.81 16.16 -1.59
C CYS B 52 -16.85 16.97 -2.35
N ALA B 53 -17.82 17.55 -1.65
CA ALA B 53 -18.82 18.40 -2.29
C ALA B 53 -18.37 19.86 -2.38
N ALA B 54 -17.24 20.18 -1.75
CA ALA B 54 -16.72 21.55 -1.77
C ALA B 54 -16.32 21.96 -3.17
N GLU B 55 -16.32 23.26 -3.41
CA GLU B 55 -15.60 23.77 -4.56
C GLU B 55 -14.10 23.60 -4.31
N ASP B 56 -13.39 23.14 -5.32
CA ASP B 56 -11.93 23.04 -5.29
C ASP B 56 -11.41 22.00 -4.29
N THR B 57 -12.20 20.95 -4.02
CA THR B 57 -11.74 19.85 -3.16
C THR B 57 -10.30 19.42 -3.41
N PRO B 58 -9.84 19.20 -4.66
CA PRO B 58 -8.45 18.71 -4.85
C PRO B 58 -7.38 19.65 -4.30
N LYS B 59 -7.68 20.94 -4.17
CA LYS B 59 -6.66 21.84 -3.68
C LYS B 59 -6.36 21.66 -2.20
N PHE B 60 -7.16 20.88 -1.46
CA PHE B 60 -6.94 20.72 -0.03
C PHE B 60 -7.31 19.35 0.54
N TYR B 61 -7.92 18.45 -0.25
CA TYR B 61 -8.39 17.19 0.29
C TYR B 61 -8.27 16.08 -0.75
N GLY B 62 -7.80 14.91 -0.30
CA GLY B 62 -7.63 13.81 -1.21
C GLY B 62 -8.09 12.48 -0.66
N ALA B 63 -7.79 12.21 0.61
CA ALA B 63 -7.96 10.88 1.18
C ALA B 63 -8.86 10.93 2.39
N GLY B 64 -9.89 10.11 2.39
CA GLY B 64 -10.74 9.94 3.56
C GLY B 64 -10.88 8.47 3.88
N PHE B 65 -10.89 8.15 5.17
CA PHE B 65 -10.99 6.78 5.64
C PHE B 65 -12.29 6.58 6.39
N VAL B 66 -12.99 5.48 6.10
CA VAL B 66 -14.11 5.03 6.92
C VAL B 66 -13.70 3.71 7.55
N THR B 67 -13.55 3.70 8.88
CA THR B 67 -13.13 2.50 9.64
C THR B 67 -14.23 2.20 10.66
N PHE B 68 -15.17 1.34 10.28
CA PHE B 68 -16.39 1.14 11.05
C PHE B 68 -16.24 0.09 12.14
N THR B 69 -15.25 -0.78 12.03
CA THR B 69 -15.04 -1.88 12.96
C THR B 69 -13.71 -1.70 13.66
N ASP B 70 -13.54 -2.49 14.73
CA ASP B 70 -12.25 -2.55 15.41
C ASP B 70 -11.13 -2.99 14.46
N GLN B 71 -11.37 -4.07 13.70
CA GLN B 71 -10.33 -4.60 12.84
CA GLN B 71 -10.31 -4.58 12.85
C GLN B 71 -9.93 -3.58 11.77
N ALA B 72 -10.90 -2.80 11.27
CA ALA B 72 -10.58 -1.79 10.27
C ALA B 72 -9.78 -0.65 10.87
N LYS B 73 -10.09 -0.27 12.11
CA LYS B 73 -9.34 0.79 12.76
C LYS B 73 -7.89 0.37 12.96
N MET B 74 -7.66 -0.88 13.35
CA MET B 74 -6.30 -1.36 13.59
C MET B 74 -5.54 -1.51 12.27
N LYS B 75 -6.19 -2.12 11.27
CA LYS B 75 -5.51 -2.41 10.01
C LYS B 75 -5.19 -1.13 9.24
N ILE B 76 -6.18 -0.23 9.11
CA ILE B 76 -6.00 0.94 8.26
C ILE B 76 -5.29 2.07 8.99
N LEU B 77 -5.65 2.33 10.24
CA LEU B 77 -5.17 3.52 10.93
C LEU B 77 -4.19 3.22 12.06
N SER B 78 -3.85 1.95 12.28
CA SER B 78 -2.87 1.56 13.29
C SER B 78 -3.33 1.93 14.70
N VAL B 79 -4.65 1.94 14.91
CA VAL B 79 -5.16 1.97 16.28
C VAL B 79 -4.70 0.71 16.99
N SER B 80 -4.21 0.86 18.22
CA SER B 80 -3.65 -0.28 18.93
C SER B 80 -4.75 -1.15 19.51
N GLN B 81 -4.51 -2.47 19.49
CA GLN B 81 -5.43 -3.41 20.13
C GLN B 81 -5.63 -3.08 21.60
N GLN B 82 -4.54 -2.70 22.28
CA GLN B 82 -4.61 -2.38 23.71
C GLN B 82 -5.52 -1.19 23.99
N SER B 83 -5.44 -0.14 23.17
CA SER B 83 -6.28 1.04 23.39
C SER B 83 -7.77 0.69 23.29
N LEU B 84 -8.13 -0.18 22.35
CA LEU B 84 -9.53 -0.54 22.21
C LEU B 84 -10.02 -1.38 23.38
N GLU B 85 -9.14 -2.23 23.95
CA GLU B 85 -9.55 -3.10 25.05
C GLU B 85 -9.80 -2.34 26.33
N ARG B 86 -9.08 -1.24 26.56
CA ARG B 86 -9.26 -0.49 27.80
C ARG B 86 -10.40 0.52 27.70
N TYR B 87 -10.47 1.27 26.59
CA TYR B 87 -11.35 2.42 26.51
C TYR B 87 -12.47 2.29 25.47
N SER B 88 -12.50 1.21 24.70
CA SER B 88 -13.50 0.96 23.64
C SER B 88 -13.29 1.88 22.44
N ALA B 89 -13.91 1.55 21.31
CA ALA B 89 -13.71 2.32 20.10
C ALA B 89 -14.24 3.75 20.22
N VAL B 90 -15.22 3.98 21.08
CA VAL B 90 -15.71 5.33 21.35
C VAL B 90 -14.95 5.83 22.56
N SER B 91 -13.82 6.49 22.32
CA SER B 91 -13.00 6.98 23.43
C SER B 91 -12.09 8.08 22.91
N GLU B 92 -11.57 8.86 23.86
CA GLU B 92 -10.61 9.91 23.53
C GLU B 92 -9.34 9.33 22.91
N LYS B 93 -8.83 8.25 23.48
CA LYS B 93 -7.57 7.70 22.99
C LYS B 93 -7.70 7.20 21.55
N VAL B 94 -8.80 6.49 21.26
CA VAL B 94 -8.99 5.93 19.93
C VAL B 94 -9.21 7.03 18.91
N ALA B 95 -9.94 8.09 19.27
CA ALA B 95 -10.10 9.22 18.34
C ALA B 95 -8.75 9.81 17.99
N ALA B 96 -7.90 10.04 18.98
CA ALA B 96 -6.58 10.62 18.75
C ALA B 96 -5.73 9.71 17.87
N GLU B 97 -5.77 8.39 18.10
CA GLU B 97 -5.00 7.46 17.28
C GLU B 97 -5.53 7.40 15.85
N MET B 98 -6.86 7.51 15.68
CA MET B 98 -7.40 7.63 14.33
C MET B 98 -6.87 8.87 13.63
N ALA B 99 -6.84 10.01 14.33
CA ALA B 99 -6.37 11.24 13.69
C ALA B 99 -4.91 11.12 13.30
N THR B 100 -4.09 10.50 14.16
CA THR B 100 -2.68 10.32 13.88
C THR B 100 -2.47 9.33 12.75
N GLY B 101 -3.26 8.26 12.73
CA GLY B 101 -3.09 7.26 11.70
C GLY B 101 -3.48 7.77 10.31
N ALA B 102 -4.54 8.59 10.24
CA ALA B 102 -4.91 9.19 8.97
C ALA B 102 -3.78 10.08 8.44
N ILE B 103 -3.18 10.90 9.33
CA ILE B 103 -2.06 11.75 8.92
C ILE B 103 -0.97 10.92 8.25
N GLU B 104 -0.61 9.80 8.89
CA GLU B 104 0.48 8.97 8.38
C GLU B 104 0.12 8.33 7.04
N ARG B 105 -1.07 7.75 6.93
CA ARG B 105 -1.42 7.06 5.70
C ARG B 105 -1.52 8.02 4.53
N ALA B 106 -2.08 9.21 4.75
CA ALA B 106 -2.31 10.16 3.66
C ALA B 106 -1.12 11.08 3.43
N ASP B 107 -0.17 11.11 4.37
CA ASP B 107 0.91 12.11 4.39
C ASP B 107 0.31 13.51 4.25
N ALA B 108 -0.72 13.76 5.06
CA ALA B 108 -1.43 15.03 5.11
C ALA B 108 -0.89 15.88 6.26
N ASP B 109 -1.31 17.15 6.26
CA ASP B 109 -0.90 18.10 7.30
C ASP B 109 -1.87 18.16 8.48
N VAL B 110 -3.15 18.01 8.21
CA VAL B 110 -4.22 18.26 9.17
C VAL B 110 -5.20 17.10 9.09
N SER B 111 -5.77 16.70 10.23
CA SER B 111 -6.75 15.62 10.19
C SER B 111 -7.90 15.84 11.16
N ILE B 112 -9.04 15.24 10.80
CA ILE B 112 -10.22 15.08 11.66
C ILE B 112 -10.49 13.61 11.87
N ALA B 113 -10.81 13.23 13.13
CA ALA B 113 -11.29 11.91 13.48
C ALA B 113 -12.61 12.01 14.26
N ILE B 114 -13.57 11.14 13.94
CA ILE B 114 -14.86 11.08 14.60
C ILE B 114 -15.17 9.64 14.96
N THR B 115 -15.48 9.39 16.24
CA THR B 115 -15.99 8.09 16.66
C THR B 115 -17.00 8.29 17.78
N GLY B 116 -18.17 7.67 17.66
CA GLY B 116 -19.23 7.92 18.62
C GLY B 116 -20.36 6.92 18.51
N TYR B 117 -21.40 7.15 19.31
CA TYR B 117 -22.63 6.36 19.32
C TYR B 117 -23.74 7.20 18.67
N GLY B 118 -24.08 6.86 17.43
CA GLY B 118 -25.18 7.55 16.78
C GLY B 118 -26.51 7.35 17.47
N GLY B 119 -26.70 6.20 18.11
CA GLY B 119 -27.97 5.88 18.73
C GLY B 119 -28.78 4.97 17.82
N PRO B 120 -29.86 4.38 18.35
CA PRO B 120 -30.43 4.41 19.70
C PRO B 120 -29.52 3.86 20.81
N GLU B 121 -28.66 2.89 20.48
CA GLU B 121 -27.88 2.16 21.47
C GLU B 121 -26.77 3.04 22.04
N GLY B 122 -26.08 2.51 23.05
CA GLY B 122 -24.90 3.16 23.59
C GLY B 122 -23.81 2.15 23.88
N GLY B 123 -22.86 2.52 24.75
CA GLY B 123 -21.78 1.61 25.08
C GLY B 123 -22.18 0.58 26.11
N GLU B 124 -21.45 -0.54 26.11
CA GLU B 124 -21.56 -1.49 27.20
C GLU B 124 -21.23 -0.82 28.54
N ASP B 125 -20.13 -0.08 28.56
CA ASP B 125 -19.67 0.72 29.69
C ASP B 125 -20.74 1.60 30.33
N GLY B 126 -21.85 1.82 29.63
CA GLY B 126 -22.85 2.78 30.04
C GLY B 126 -22.75 4.13 29.38
N THR B 127 -21.81 4.32 28.45
CA THR B 127 -21.71 5.57 27.73
C THR B 127 -23.00 5.83 26.95
N PRO B 128 -23.62 7.00 27.11
CA PRO B 128 -24.94 7.21 26.50
C PRO B 128 -24.89 7.30 24.99
N ALA B 129 -26.02 6.96 24.37
CA ALA B 129 -26.25 7.36 22.98
C ALA B 129 -26.03 8.86 22.84
N GLY B 130 -25.57 9.26 21.66
CA GLY B 130 -25.28 10.66 21.42
C GLY B 130 -23.89 11.10 21.84
N THR B 131 -23.13 10.23 22.49
CA THR B 131 -21.75 10.54 22.83
C THR B 131 -20.87 10.36 21.60
N VAL B 132 -20.09 11.40 21.29
CA VAL B 132 -19.19 11.37 20.14
C VAL B 132 -17.87 12.00 20.58
N TRP B 133 -16.77 11.29 20.37
CA TRP B 133 -15.43 11.80 20.65
C TRP B 133 -14.79 12.33 19.36
N PHE B 134 -14.08 13.44 19.48
CA PHE B 134 -13.47 14.09 18.34
C PHE B 134 -11.98 14.27 18.59
N ALA B 135 -11.22 14.23 17.51
CA ALA B 135 -9.81 14.59 17.56
C ALA B 135 -9.46 15.33 16.29
N TRP B 136 -8.58 16.32 16.43
CA TRP B 136 -8.06 17.11 15.34
C TRP B 136 -6.53 17.18 15.48
N HIS B 137 -5.81 16.94 14.39
CA HIS B 137 -4.36 17.08 14.37
C HIS B 137 -4.01 18.29 13.52
N ILE B 138 -3.27 19.22 14.11
CA ILE B 138 -2.79 20.43 13.44
C ILE B 138 -1.36 20.69 13.89
N LYS B 139 -0.45 20.86 12.93
CA LYS B 139 0.94 21.25 13.21
C LYS B 139 1.54 20.40 14.33
N GLY B 140 1.43 19.09 14.19
CA GLY B 140 2.00 18.18 15.16
C GLY B 140 1.26 18.07 16.48
N GLN B 141 0.23 18.87 16.73
CA GLN B 141 -0.49 18.88 17.98
C GLN B 141 -1.86 18.24 17.80
N ASN B 142 -2.21 17.33 18.71
CA ASN B 142 -3.51 16.68 18.74
C ASN B 142 -4.42 17.36 19.76
N TYR B 143 -5.67 17.62 19.38
CA TYR B 143 -6.71 18.13 20.25
C TYR B 143 -7.86 17.14 20.31
N THR B 144 -8.56 17.10 21.44
CA THR B 144 -9.69 16.18 21.59
C THR B 144 -10.84 16.90 22.27
N ALA B 145 -12.03 16.33 22.12
CA ALA B 145 -13.23 16.82 22.77
C ALA B 145 -14.31 15.77 22.62
N VAL B 146 -15.19 15.70 23.62
CA VAL B 146 -16.38 14.86 23.58
C VAL B 146 -17.60 15.76 23.51
N MET B 147 -18.66 15.27 22.87
CA MET B 147 -19.93 15.96 22.82
C MET B 147 -21.04 14.97 23.13
N HIS B 148 -22.13 15.48 23.71
CA HIS B 148 -23.34 14.70 23.93
C HIS B 148 -24.48 15.36 23.14
N PHE B 149 -24.83 14.77 22.00
CA PHE B 149 -25.87 15.31 21.12
C PHE B 149 -27.21 14.64 21.40
N ALA B 150 -28.25 15.46 21.61
CA ALA B 150 -29.60 14.95 21.62
C ALA B 150 -30.09 14.70 20.20
N GLY B 151 -31.07 13.82 20.06
CA GLY B 151 -31.69 13.54 18.79
C GLY B 151 -31.61 12.07 18.41
N ASP B 152 -32.28 11.74 17.29
CA ASP B 152 -32.13 10.41 16.72
C ASP B 152 -30.80 10.32 15.97
N CYS B 153 -30.55 9.16 15.38
CA CYS B 153 -29.21 8.88 14.88
C CYS B 153 -28.85 9.78 13.71
N GLU B 154 -29.80 10.01 12.80
CA GLU B 154 -29.51 10.89 11.66
C GLU B 154 -29.21 12.31 12.11
N THR B 155 -29.91 12.77 13.16
CA THR B 155 -29.65 14.10 13.73
C THR B 155 -28.30 14.15 14.42
N VAL B 156 -27.94 13.10 15.16
CA VAL B 156 -26.66 13.08 15.87
C VAL B 156 -25.51 13.12 14.88
N LEU B 157 -25.57 12.30 13.84
CA LEU B 157 -24.48 12.22 12.86
C LEU B 157 -24.34 13.51 12.07
N ALA B 158 -25.45 14.18 11.75
CA ALA B 158 -25.38 15.47 11.10
C ALA B 158 -24.73 16.51 12.00
N LEU B 159 -25.05 16.49 13.30
CA LEU B 159 -24.42 17.40 14.26
C LEU B 159 -22.93 17.13 14.37
N ALA B 160 -22.55 15.86 14.44
CA ALA B 160 -21.14 15.50 14.59
C ALA B 160 -20.30 16.00 13.40
N VAL B 161 -20.84 15.89 12.18
CA VAL B 161 -20.10 16.36 11.00
C VAL B 161 -19.94 17.87 11.05
N ARG B 162 -21.03 18.60 11.34
CA ARG B 162 -20.93 20.05 11.44
C ARG B 162 -19.96 20.47 12.54
N PHE B 163 -20.05 19.85 13.71
CA PHE B 163 -19.16 20.23 14.80
C PHE B 163 -17.71 19.96 14.47
N ALA B 164 -17.41 18.80 13.87
CA ALA B 164 -16.04 18.49 13.52
C ALA B 164 -15.46 19.56 12.59
N LEU B 165 -16.24 19.96 11.57
CA LEU B 165 -15.78 21.04 10.67
C LEU B 165 -15.67 22.37 11.40
N ALA B 166 -16.66 22.71 12.21
CA ALA B 166 -16.65 24.00 12.90
C ALA B 166 -15.45 24.10 13.83
N GLN B 167 -15.16 23.04 14.58
CA GLN B 167 -14.05 23.12 15.52
C GLN B 167 -12.72 23.17 14.78
N LEU B 168 -12.59 22.48 13.64
CA LEU B 168 -11.33 22.55 12.90
C LEU B 168 -11.07 23.99 12.46
N LEU B 169 -12.11 24.68 11.98
CA LEU B 169 -11.96 26.08 11.57
C LEU B 169 -11.44 26.94 12.71
N GLN B 170 -11.94 26.70 13.94
CA GLN B 170 -11.44 27.44 15.09
C GLN B 170 -9.97 27.13 15.36
N LEU B 171 -9.60 25.85 15.31
CA LEU B 171 -8.23 25.49 15.62
C LEU B 171 -7.25 25.98 14.56
N LEU B 172 -7.69 26.11 13.31
CA LEU B 172 -6.82 26.58 12.24
C LEU B 172 -6.51 28.06 12.31
N LEU B 173 -7.25 28.79 13.15
CA LEU B 173 -7.19 30.24 13.17
C LEU B 173 -5.85 30.73 13.70
N GLY C 1 -1.13 -25.64 -32.15
CA GLY C 1 0.06 -26.40 -31.83
C GLY C 1 1.14 -25.57 -31.16
N MET C 2 1.94 -26.19 -30.31
CA MET C 2 2.99 -25.48 -29.60
C MET C 2 4.34 -25.78 -30.26
N ASN C 3 5.09 -24.72 -30.56
CA ASN C 3 6.32 -24.84 -31.31
C ASN C 3 7.51 -24.96 -30.35
N ILE C 4 8.30 -26.02 -30.50
CA ILE C 4 9.38 -26.28 -29.57
C ILE C 4 10.51 -25.28 -29.69
N ASN C 5 10.80 -24.82 -30.91
CA ASN C 5 11.88 -23.86 -31.13
C ASN C 5 11.66 -22.61 -30.29
N ARG C 6 10.54 -21.91 -30.56
CA ARG C 6 10.26 -20.63 -29.90
C ARG C 6 10.14 -20.77 -28.39
N ASN C 7 9.73 -21.94 -27.90
CA ASN C 7 9.51 -22.19 -26.48
C ASN C 7 10.53 -23.16 -25.87
N LYS C 8 11.75 -23.19 -26.41
CA LYS C 8 12.77 -24.10 -25.92
C LYS C 8 13.28 -23.65 -24.56
N ILE C 9 13.67 -24.61 -23.74
CA ILE C 9 14.34 -24.30 -22.48
C ILE C 9 15.83 -24.15 -22.76
N VAL C 10 16.41 -23.03 -22.30
CA VAL C 10 17.80 -22.74 -22.65
C VAL C 10 18.75 -23.65 -21.88
N GLN C 11 20.00 -23.66 -22.34
CA GLN C 11 21.08 -24.27 -21.59
C GLN C 11 22.16 -23.21 -21.41
N LEU C 12 22.51 -22.96 -20.14
CA LEU C 12 23.57 -22.01 -19.82
C LEU C 12 24.87 -22.33 -20.55
N ALA C 13 25.53 -21.28 -21.02
CA ALA C 13 26.87 -21.33 -21.58
C ALA C 13 27.77 -20.36 -20.83
N ASP C 14 29.08 -20.52 -20.99
CA ASP C 14 30.03 -19.69 -20.25
C ASP C 14 29.91 -18.22 -20.62
N THR C 15 29.52 -17.92 -21.87
CA THR C 15 29.33 -16.53 -22.26
C THR C 15 28.10 -15.91 -21.61
N ASP C 16 27.21 -16.72 -21.03
CA ASP C 16 26.00 -16.23 -20.35
C ASP C 16 26.35 -15.75 -18.93
N THR C 17 27.06 -14.63 -18.86
CA THR C 17 27.39 -13.99 -17.59
C THR C 17 26.28 -13.00 -17.22
N ILE C 18 26.31 -12.51 -15.97
CA ILE C 18 25.24 -11.61 -15.51
C ILE C 18 25.26 -10.32 -16.31
N GLU C 19 26.43 -9.69 -16.45
CA GLU C 19 26.51 -8.43 -17.17
C GLU C 19 26.03 -8.58 -18.62
N ASN C 20 26.43 -9.66 -19.29
CA ASN C 20 26.02 -9.85 -20.67
C ASN C 20 24.53 -10.12 -20.79
N LEU C 21 23.95 -10.87 -19.83
CA LEU C 21 22.52 -11.16 -19.93
C LEU C 21 21.68 -9.94 -19.58
N THR C 22 22.03 -9.22 -18.51
CA THR C 22 21.27 -8.03 -18.17
C THR C 22 21.40 -6.97 -19.25
N SER C 23 22.58 -6.88 -19.88
CA SER C 23 22.74 -5.94 -20.98
C SER C 23 21.83 -6.32 -22.15
N ALA C 24 21.82 -7.61 -22.50
CA ALA C 24 20.95 -8.08 -23.58
C ALA C 24 19.47 -7.93 -23.20
N LEU C 25 19.13 -8.17 -21.94
CA LEU C 25 17.74 -8.02 -21.50
C LEU C 25 17.32 -6.56 -21.49
N SER C 26 18.22 -5.68 -21.04
CA SER C 26 17.90 -4.26 -20.96
C SER C 26 17.56 -3.70 -22.33
N GLN C 27 18.43 -3.94 -23.31
CA GLN C 27 18.14 -3.48 -24.66
C GLN C 27 16.83 -4.05 -25.18
N ARG C 28 16.61 -5.35 -24.96
CA ARG C 28 15.42 -5.98 -25.53
CA ARG C 28 15.42 -6.00 -25.52
C ARG C 28 14.14 -5.48 -24.87
N LEU C 29 14.15 -5.33 -23.53
CA LEU C 29 12.94 -4.85 -22.85
C LEU C 29 12.65 -3.40 -23.20
N ILE C 30 13.68 -2.55 -23.21
CA ILE C 30 13.51 -1.16 -23.60
C ILE C 30 13.02 -1.08 -25.05
N ALA C 31 13.58 -1.90 -25.93
CA ALA C 31 13.13 -1.89 -27.32
C ALA C 31 11.66 -2.25 -27.43
N ASP C 32 11.22 -3.24 -26.66
CA ASP C 32 9.82 -3.67 -26.72
C ASP C 32 8.89 -2.79 -25.89
N GLN C 33 9.44 -1.89 -25.05
CA GLN C 33 8.64 -1.02 -24.20
C GLN C 33 7.88 -1.83 -23.14
N LEU C 34 8.59 -2.78 -22.51
CA LEU C 34 8.02 -3.66 -21.50
C LEU C 34 8.71 -3.43 -20.16
N ARG C 35 7.93 -3.55 -19.08
CA ARG C 35 8.42 -3.36 -17.72
C ARG C 35 8.51 -4.69 -17.02
N LEU C 36 9.65 -4.95 -16.40
CA LEU C 36 9.95 -6.20 -15.73
C LEU C 36 9.81 -6.05 -14.21
N THR C 37 9.36 -7.12 -13.56
CA THR C 37 9.37 -7.21 -12.11
C THR C 37 9.83 -8.61 -11.73
N THR C 38 10.35 -8.76 -10.50
CA THR C 38 10.90 -10.04 -10.09
C THR C 38 10.43 -10.43 -8.69
N ALA C 39 10.40 -11.74 -8.44
CA ALA C 39 10.00 -12.30 -7.16
C ALA C 39 10.99 -13.41 -6.84
N GLU C 40 11.65 -13.34 -5.69
CA GLU C 40 12.65 -14.36 -5.40
C GLU C 40 12.58 -14.77 -3.94
N SER C 41 13.14 -15.94 -3.68
CA SER C 41 13.15 -16.47 -2.32
C SER C 41 14.57 -16.85 -1.94
N CYS C 42 14.99 -18.05 -2.34
CA CYS C 42 16.31 -18.55 -1.96
C CYS C 42 17.44 -17.66 -2.49
N THR C 43 17.26 -17.05 -3.67
CA THR C 43 18.30 -16.17 -4.18
C THR C 43 18.41 -14.87 -3.42
N GLY C 44 17.43 -14.55 -2.57
CA GLY C 44 17.63 -13.57 -1.52
C GLY C 44 17.68 -12.12 -1.94
N GLY C 45 17.43 -11.80 -3.20
CA GLY C 45 17.60 -10.44 -3.69
C GLY C 45 18.76 -10.27 -4.65
N LYS C 46 19.53 -11.34 -4.89
CA LYS C 46 20.60 -11.29 -5.90
C LYS C 46 20.07 -11.10 -7.33
N LEU C 47 18.89 -11.65 -7.65
CA LEU C 47 18.33 -11.39 -8.96
C LEU C 47 18.04 -9.90 -9.13
N ALA C 48 17.35 -9.31 -8.16
CA ALA C 48 17.06 -7.88 -8.25
C ALA C 48 18.35 -7.07 -8.31
N SER C 49 19.36 -7.44 -7.51
CA SER C 49 20.60 -6.66 -7.48
CA SER C 49 20.59 -6.66 -7.49
C SER C 49 21.31 -6.72 -8.83
N ALA C 50 21.25 -7.86 -9.51
CA ALA C 50 21.83 -7.96 -10.83
C ALA C 50 21.14 -7.00 -11.82
N LEU C 51 19.82 -6.89 -11.72
CA LEU C 51 19.10 -6.00 -12.62
C LEU C 51 19.35 -4.53 -12.28
N CYS C 52 19.45 -4.21 -10.99
CA CYS C 52 19.73 -2.83 -10.60
C CYS C 52 21.17 -2.42 -10.91
N ALA C 53 22.05 -3.38 -11.18
CA ALA C 53 23.42 -3.07 -11.58
C ALA C 53 23.54 -2.76 -13.07
N ALA C 54 22.55 -3.16 -13.86
CA ALA C 54 22.63 -3.00 -15.31
C ALA C 54 22.45 -1.53 -15.70
N GLU C 55 22.72 -1.25 -16.97
CA GLU C 55 22.61 0.10 -17.47
C GLU C 55 21.17 0.43 -17.80
N ASP C 56 20.76 1.65 -17.43
CA ASP C 56 19.41 2.14 -17.69
C ASP C 56 18.35 1.26 -17.05
N THR C 57 18.66 0.71 -15.86
CA THR C 57 17.65 0.03 -15.05
C THR C 57 16.32 0.77 -14.97
N PRO C 58 16.27 2.09 -14.74
CA PRO C 58 14.95 2.74 -14.60
C PRO C 58 14.07 2.63 -15.83
N LYS C 59 14.62 2.38 -17.01
CA LYS C 59 13.77 2.33 -18.19
C LYS C 59 13.05 0.99 -18.37
N PHE C 60 13.34 -0.01 -17.55
CA PHE C 60 12.68 -1.30 -17.76
C PHE C 60 12.41 -2.05 -16.45
N TYR C 61 12.92 -1.58 -15.32
CA TYR C 61 12.80 -2.33 -14.08
C TYR C 61 12.58 -1.39 -12.92
N GLY C 62 11.63 -1.73 -12.05
CA GLY C 62 11.32 -0.89 -10.91
C GLY C 62 11.17 -1.65 -9.62
N ALA C 63 10.48 -2.79 -9.64
CA ALA C 63 10.01 -3.43 -8.43
C ALA C 63 10.50 -4.87 -8.34
N GLY C 64 11.26 -5.17 -7.29
CA GLY C 64 11.67 -6.54 -6.99
C GLY C 64 11.19 -6.92 -5.62
N PHE C 65 10.72 -8.17 -5.47
CA PHE C 65 10.22 -8.70 -4.22
C PHE C 65 11.11 -9.84 -3.73
N VAL C 66 11.46 -9.80 -2.45
CA VAL C 66 12.05 -10.96 -1.78
C VAL C 66 11.01 -11.45 -0.77
N THR C 67 10.57 -12.70 -0.93
CA THR C 67 9.58 -13.31 -0.06
C THR C 67 10.19 -14.62 0.43
N PHE C 68 10.89 -14.57 1.56
CA PHE C 68 11.69 -15.70 2.01
C PHE C 68 10.87 -16.73 2.78
N THR C 69 9.68 -16.36 3.27
CA THR C 69 8.86 -17.24 4.09
C THR C 69 7.50 -17.47 3.44
N ASP C 70 6.80 -18.49 3.96
CA ASP C 70 5.41 -18.69 3.52
C ASP C 70 4.57 -17.45 3.78
N GLN C 71 4.69 -16.89 4.99
CA GLN C 71 3.93 -15.69 5.32
C GLN C 71 4.19 -14.56 4.32
N ALA C 72 5.45 -14.36 3.93
CA ALA C 72 5.75 -13.31 2.96
C ALA C 72 5.15 -13.63 1.59
N LYS C 73 5.29 -14.89 1.14
CA LYS C 73 4.74 -15.26 -0.16
C LYS C 73 3.23 -15.07 -0.20
N MET C 74 2.53 -15.40 0.88
CA MET C 74 1.08 -15.20 0.92
C MET C 74 0.73 -13.71 1.00
N LYS C 75 1.38 -12.98 1.90
CA LYS C 75 1.02 -11.58 2.15
C LYS C 75 1.39 -10.68 0.98
N ILE C 76 2.62 -10.82 0.46
CA ILE C 76 3.11 -9.89 -0.55
C ILE C 76 2.63 -10.28 -1.95
N LEU C 77 2.62 -11.57 -2.27
CA LEU C 77 2.39 -12.00 -3.65
C LEU C 77 1.12 -12.83 -3.80
N SER C 78 0.32 -12.95 -2.75
CA SER C 78 -0.99 -13.61 -2.81
C SER C 78 -0.86 -15.09 -3.19
N VAL C 79 0.28 -15.71 -2.86
CA VAL C 79 0.37 -17.16 -2.95
C VAL C 79 -0.67 -17.77 -2.02
N SER C 80 -1.41 -18.75 -2.54
CA SER C 80 -2.47 -19.37 -1.77
C SER C 80 -1.89 -20.31 -0.73
N GLN C 81 -2.47 -20.30 0.47
CA GLN C 81 -2.02 -21.21 1.51
C GLN C 81 -2.21 -22.65 1.09
N GLN C 82 -3.28 -22.92 0.35
CA GLN C 82 -3.58 -24.30 -0.05
C GLN C 82 -2.52 -24.84 -1.01
N SER C 83 -1.99 -23.97 -1.88
CA SER C 83 -0.90 -24.40 -2.77
C SER C 83 0.38 -24.69 -1.99
N LEU C 84 0.63 -23.93 -0.93
CA LEU C 84 1.78 -24.22 -0.07
C LEU C 84 1.57 -25.52 0.69
N GLU C 85 0.38 -25.73 1.24
CA GLU C 85 0.12 -26.96 2.00
C GLU C 85 0.22 -28.20 1.11
N ARG C 86 -0.18 -28.06 -0.13
CA ARG C 86 -0.24 -29.13 -1.10
C ARG C 86 1.07 -29.48 -1.78
N TYR C 87 1.81 -28.48 -2.15
CA TYR C 87 3.05 -28.63 -2.90
C TYR C 87 4.34 -28.07 -2.26
N SER C 88 4.23 -27.41 -1.12
CA SER C 88 5.37 -26.74 -0.47
C SER C 88 5.79 -25.49 -1.24
N ALA C 89 6.66 -24.69 -0.61
CA ALA C 89 7.10 -23.42 -1.18
C ALA C 89 7.99 -23.62 -2.39
N VAL C 90 8.69 -24.74 -2.48
CA VAL C 90 9.55 -25.06 -3.62
C VAL C 90 8.73 -25.97 -4.53
N SER C 91 7.95 -25.34 -5.41
CA SER C 91 7.04 -26.09 -6.27
C SER C 91 6.76 -25.29 -7.53
N GLU C 92 6.20 -26.00 -8.51
CA GLU C 92 5.77 -25.35 -9.74
C GLU C 92 4.62 -24.38 -9.51
N LYS C 93 3.63 -24.78 -8.72
CA LYS C 93 2.45 -23.95 -8.55
C LYS C 93 2.77 -22.69 -7.76
N VAL C 94 3.70 -22.76 -6.80
CA VAL C 94 4.01 -21.56 -6.04
C VAL C 94 4.86 -20.61 -6.86
N ALA C 95 5.85 -21.13 -7.60
CA ALA C 95 6.62 -20.30 -8.53
C ALA C 95 5.71 -19.54 -9.47
N ALA C 96 4.72 -20.21 -10.04
CA ALA C 96 3.82 -19.56 -10.99
C ALA C 96 3.00 -18.46 -10.32
N GLU C 97 2.54 -18.72 -9.10
CA GLU C 97 1.76 -17.69 -8.40
C GLU C 97 2.63 -16.55 -7.93
N MET C 98 3.91 -16.80 -7.64
CA MET C 98 4.82 -15.67 -7.37
C MET C 98 5.00 -14.81 -8.61
N ALA C 99 5.09 -15.42 -9.79
CA ALA C 99 5.25 -14.63 -11.02
C ALA C 99 4.01 -13.79 -11.32
N THR C 100 2.83 -14.39 -11.23
CA THR C 100 1.62 -13.62 -11.51
C THR C 100 1.37 -12.59 -10.42
N GLY C 101 1.67 -12.96 -9.16
CA GLY C 101 1.47 -12.02 -8.07
C GLY C 101 2.35 -10.80 -8.16
N ALA C 102 3.58 -10.96 -8.66
CA ALA C 102 4.47 -9.82 -8.85
C ALA C 102 3.96 -8.91 -9.94
N ILE C 103 3.51 -9.49 -11.06
CA ILE C 103 2.88 -8.70 -12.13
C ILE C 103 1.80 -7.79 -11.55
N GLU C 104 0.94 -8.33 -10.68
CA GLU C 104 -0.19 -7.55 -10.17
C GLU C 104 0.29 -6.42 -9.26
N ARG C 105 1.19 -6.72 -8.32
CA ARG C 105 1.63 -5.70 -7.36
C ARG C 105 2.39 -4.57 -8.05
N ALA C 106 3.17 -4.90 -9.08
CA ALA C 106 3.99 -3.89 -9.75
C ALA C 106 3.29 -3.22 -10.93
N ASP C 107 2.17 -3.76 -11.40
CA ASP C 107 1.57 -3.41 -12.70
C ASP C 107 2.64 -3.40 -13.79
N ALA C 108 3.31 -4.54 -13.92
CA ALA C 108 4.39 -4.75 -14.86
C ALA C 108 3.92 -5.64 -16.01
N ASP C 109 4.72 -5.69 -17.07
CA ASP C 109 4.40 -6.52 -18.22
C ASP C 109 5.03 -7.90 -18.16
N VAL C 110 6.20 -8.02 -17.54
CA VAL C 110 6.98 -9.26 -17.57
C VAL C 110 7.50 -9.53 -16.16
N SER C 111 7.65 -10.81 -15.80
CA SER C 111 8.15 -11.16 -14.48
C SER C 111 8.90 -12.49 -14.50
N ILE C 112 9.83 -12.61 -13.54
CA ILE C 112 10.59 -13.82 -13.25
C ILE C 112 10.34 -14.19 -11.79
N ALA C 113 10.14 -15.48 -11.49
CA ALA C 113 10.09 -15.94 -10.11
C ALA C 113 11.02 -17.14 -9.87
N ILE C 114 11.67 -17.15 -8.70
CA ILE C 114 12.64 -18.18 -8.30
C ILE C 114 12.32 -18.64 -6.88
N THR C 115 12.19 -19.96 -6.69
CA THR C 115 12.00 -20.53 -5.37
C THR C 115 12.67 -21.90 -5.33
N GLY C 116 13.55 -22.13 -4.36
CA GLY C 116 14.30 -23.37 -4.39
C GLY C 116 15.11 -23.60 -3.15
N TYR C 117 15.90 -24.68 -3.18
CA TYR C 117 16.76 -25.09 -2.07
C TYR C 117 18.21 -24.84 -2.47
N GLY C 118 18.78 -23.73 -2.00
CA GLY C 118 20.17 -23.45 -2.29
C GLY C 118 21.13 -24.45 -1.66
N GLY C 119 20.78 -24.99 -0.49
CA GLY C 119 21.59 -26.01 0.14
C GLY C 119 22.23 -25.49 1.40
N PRO C 120 22.86 -26.37 2.20
CA PRO C 120 23.01 -27.82 1.98
C PRO C 120 21.75 -28.68 2.22
N GLU C 121 20.73 -28.11 2.86
CA GLU C 121 19.51 -28.86 3.12
C GLU C 121 18.60 -28.86 1.89
N GLY C 122 17.88 -29.96 1.71
CA GLY C 122 16.79 -30.04 0.77
C GLY C 122 15.45 -29.90 1.46
N GLY C 123 14.39 -30.30 0.76
CA GLY C 123 13.09 -30.36 1.38
C GLY C 123 12.95 -31.58 2.26
N GLU C 124 12.16 -31.43 3.33
CA GLU C 124 11.90 -32.57 4.20
C GLU C 124 10.88 -33.52 3.61
N ASP C 125 10.48 -33.31 2.35
CA ASP C 125 9.70 -34.26 1.58
C ASP C 125 10.55 -35.02 0.58
N GLY C 126 11.88 -34.95 0.69
CA GLY C 126 12.77 -35.65 -0.20
C GLY C 126 13.30 -34.81 -1.34
N THR C 127 12.74 -33.64 -1.57
CA THR C 127 13.23 -32.73 -2.61
C THR C 127 14.70 -32.41 -2.34
N PRO C 128 15.63 -32.79 -3.22
CA PRO C 128 17.05 -32.66 -2.89
C PRO C 128 17.52 -31.21 -2.90
N ALA C 129 18.64 -30.96 -2.22
CA ALA C 129 19.29 -29.67 -2.32
C ALA C 129 19.66 -29.38 -3.77
N GLY C 130 19.58 -28.12 -4.17
CA GLY C 130 19.91 -27.73 -5.51
C GLY C 130 18.74 -27.66 -6.47
N THR C 131 17.57 -28.17 -6.08
CA THR C 131 16.38 -28.06 -6.93
C THR C 131 15.79 -26.65 -6.85
N VAL C 132 15.61 -26.02 -8.00
CA VAL C 132 15.01 -24.70 -8.10
C VAL C 132 13.92 -24.71 -9.16
N TRP C 133 12.73 -24.23 -8.80
CA TRP C 133 11.63 -24.06 -9.74
C TRP C 133 11.61 -22.61 -10.21
N PHE C 134 11.31 -22.42 -11.50
CA PHE C 134 11.27 -21.10 -12.09
C PHE C 134 9.91 -20.85 -12.72
N ALA C 135 9.55 -19.57 -12.85
CA ALA C 135 8.39 -19.20 -13.61
C ALA C 135 8.64 -17.86 -14.28
N TRP C 136 8.18 -17.73 -15.51
CA TRP C 136 8.23 -16.47 -16.23
C TRP C 136 6.84 -16.15 -16.73
N HIS C 137 6.44 -14.88 -16.60
CA HIS C 137 5.19 -14.37 -17.17
C HIS C 137 5.52 -13.45 -18.32
N ILE C 138 4.94 -13.74 -19.49
CA ILE C 138 5.08 -12.88 -20.66
C ILE C 138 3.72 -12.83 -21.33
N LYS C 139 3.22 -11.63 -21.61
CA LYS C 139 2.03 -11.40 -22.41
C LYS C 139 0.90 -12.35 -22.01
N GLY C 140 0.53 -12.29 -20.73
CA GLY C 140 -0.52 -13.14 -20.21
C GLY C 140 -0.17 -14.60 -19.98
N GLN C 141 0.90 -15.09 -20.61
CA GLN C 141 1.26 -16.51 -20.56
C GLN C 141 2.33 -16.75 -19.52
N ASN C 142 2.21 -17.88 -18.81
CA ASN C 142 3.17 -18.29 -17.80
C ASN C 142 3.93 -19.51 -18.28
N TYR C 143 5.23 -19.54 -17.99
CA TYR C 143 6.10 -20.66 -18.31
C TYR C 143 6.81 -21.10 -17.05
N THR C 144 7.10 -22.41 -16.94
CA THR C 144 7.79 -22.94 -15.77
C THR C 144 8.85 -23.93 -16.20
N ALA C 145 9.79 -24.20 -15.29
CA ALA C 145 10.84 -25.18 -15.46
C ALA C 145 11.48 -25.45 -14.11
N VAL C 146 11.89 -26.68 -13.87
CA VAL C 146 12.63 -27.04 -12.65
C VAL C 146 14.06 -27.39 -13.04
N MET C 147 15.00 -27.06 -12.15
CA MET C 147 16.41 -27.28 -12.38
C MET C 147 17.03 -27.94 -11.16
N HIS C 148 18.03 -28.78 -11.39
CA HIS C 148 18.76 -29.47 -10.33
C HIS C 148 20.24 -29.13 -10.47
N PHE C 149 20.67 -28.06 -9.83
CA PHE C 149 22.04 -27.59 -9.92
C PHE C 149 22.92 -28.33 -8.92
N ALA C 150 24.16 -28.59 -9.33
CA ALA C 150 25.17 -29.12 -8.43
C ALA C 150 25.97 -27.97 -7.79
N GLY C 151 26.70 -28.29 -6.73
CA GLY C 151 27.55 -27.32 -6.06
C GLY C 151 26.99 -26.91 -4.70
N ASP C 152 27.73 -26.01 -4.04
CA ASP C 152 27.31 -25.52 -2.74
C ASP C 152 26.27 -24.42 -2.92
N CYS C 153 25.89 -23.78 -1.81
CA CYS C 153 24.73 -22.89 -1.89
C CYS C 153 25.05 -21.67 -2.74
N GLU C 154 26.22 -21.06 -2.52
CA GLU C 154 26.62 -19.92 -3.33
C GLU C 154 26.63 -20.25 -4.83
N THR C 155 27.16 -21.43 -5.18
CA THR C 155 27.20 -21.83 -6.58
C THR C 155 25.80 -22.06 -7.12
N VAL C 156 24.92 -22.65 -6.32
CA VAL C 156 23.57 -22.92 -6.77
C VAL C 156 22.81 -21.60 -7.00
N LEU C 157 23.00 -20.63 -6.11
CA LEU C 157 22.25 -19.38 -6.22
C LEU C 157 22.65 -18.57 -7.45
N ALA C 158 23.95 -18.56 -7.76
CA ALA C 158 24.43 -17.84 -8.94
C ALA C 158 23.99 -18.52 -10.23
N LEU C 159 23.97 -19.85 -10.25
CA LEU C 159 23.43 -20.55 -11.42
C LEU C 159 21.96 -20.18 -11.64
N ALA C 160 21.19 -20.13 -10.55
CA ALA C 160 19.77 -19.86 -10.68
C ALA C 160 19.52 -18.48 -11.27
N VAL C 161 20.30 -17.48 -10.84
CA VAL C 161 20.12 -16.11 -11.34
C VAL C 161 20.43 -16.05 -12.82
N ARG C 162 21.53 -16.69 -13.25
CA ARG C 162 21.87 -16.71 -14.67
C ARG C 162 20.81 -17.43 -15.50
N PHE C 163 20.34 -18.59 -15.03
CA PHE C 163 19.35 -19.34 -15.78
C PHE C 163 18.02 -18.59 -15.83
N ALA C 164 17.62 -17.94 -14.74
CA ALA C 164 16.40 -17.12 -14.75
C ALA C 164 16.47 -16.05 -15.83
N LEU C 165 17.61 -15.36 -15.93
CA LEU C 165 17.79 -14.29 -16.90
C LEU C 165 17.88 -14.84 -18.33
N ALA C 166 18.69 -15.89 -18.52
CA ALA C 166 18.87 -16.47 -19.84
C ALA C 166 17.54 -16.93 -20.42
N GLN C 167 16.72 -17.60 -19.61
CA GLN C 167 15.46 -18.13 -20.13
C GLN C 167 14.50 -17.00 -20.48
N LEU C 168 14.48 -15.93 -19.68
CA LEU C 168 13.62 -14.79 -20.02
C LEU C 168 13.99 -14.24 -21.40
N LEU C 169 15.30 -14.16 -21.68
CA LEU C 169 15.75 -13.62 -22.95
C LEU C 169 15.23 -14.47 -24.12
N GLN C 170 15.35 -15.79 -24.01
CA GLN C 170 14.91 -16.64 -25.10
C GLN C 170 13.40 -16.55 -25.29
N LEU C 171 12.64 -16.49 -24.19
CA LEU C 171 11.20 -16.38 -24.34
C LEU C 171 10.78 -15.07 -24.99
N LEU C 172 11.63 -14.03 -24.91
CA LEU C 172 11.37 -12.73 -25.48
C LEU C 172 11.73 -12.60 -26.96
N LEU C 173 12.46 -13.56 -27.51
CA LEU C 173 12.87 -13.47 -28.91
C LEU C 173 11.67 -13.41 -29.84
N GLY D 1 -12.50 -22.34 -20.13
CA GLY D 1 -13.87 -22.23 -20.61
C GLY D 1 -14.68 -21.26 -19.75
N MET D 2 -15.18 -20.20 -20.36
CA MET D 2 -15.70 -19.05 -19.61
C MET D 2 -17.22 -18.97 -19.73
N ASN D 3 -17.90 -19.17 -18.61
CA ASN D 3 -19.36 -19.11 -18.54
C ASN D 3 -19.81 -17.65 -18.45
N ILE D 4 -20.82 -17.27 -19.23
CA ILE D 4 -21.28 -15.88 -19.25
C ILE D 4 -22.68 -15.73 -18.65
N ASN D 5 -23.26 -16.80 -18.11
CA ASN D 5 -24.65 -16.78 -17.68
C ASN D 5 -24.95 -15.61 -16.74
N ARG D 6 -23.94 -15.13 -16.02
CA ARG D 6 -24.17 -14.14 -14.98
C ARG D 6 -23.71 -12.75 -15.41
N ASN D 7 -23.23 -12.59 -16.64
CA ASN D 7 -22.83 -11.28 -17.15
C ASN D 7 -24.07 -10.55 -17.69
N LYS D 8 -24.95 -10.18 -16.76
CA LYS D 8 -26.12 -9.37 -17.05
C LYS D 8 -25.97 -8.02 -16.38
N ILE D 9 -26.14 -6.94 -17.14
CA ILE D 9 -26.08 -5.59 -16.60
C ILE D 9 -27.46 -5.22 -16.09
N VAL D 10 -27.57 -4.98 -14.77
CA VAL D 10 -28.87 -4.77 -14.15
C VAL D 10 -29.50 -3.49 -14.68
N GLN D 11 -30.82 -3.47 -14.72
CA GLN D 11 -31.58 -2.26 -14.93
C GLN D 11 -32.10 -1.79 -13.58
N LEU D 12 -31.84 -0.53 -13.25
CA LEU D 12 -32.33 -0.04 -11.97
C LEU D 12 -33.85 -0.02 -12.00
N ALA D 13 -34.47 -0.51 -10.93
CA ALA D 13 -35.91 -0.56 -10.81
C ALA D 13 -36.34 0.35 -9.66
N ASP D 14 -37.65 0.57 -9.58
CA ASP D 14 -38.18 1.45 -8.54
C ASP D 14 -37.88 0.92 -7.14
N THR D 15 -37.88 -0.40 -6.97
CA THR D 15 -37.52 -0.97 -5.67
C THR D 15 -36.02 -0.96 -5.40
N ASP D 16 -35.19 -0.55 -6.36
CA ASP D 16 -33.75 -0.45 -6.12
C ASP D 16 -33.42 0.84 -5.36
N THR D 17 -34.09 1.04 -4.24
CA THR D 17 -33.71 2.15 -3.39
C THR D 17 -32.43 1.79 -2.66
N ILE D 18 -31.75 2.83 -2.16
CA ILE D 18 -30.56 2.62 -1.35
C ILE D 18 -30.84 1.63 -0.23
N GLU D 19 -31.95 1.80 0.46
CA GLU D 19 -32.21 0.99 1.65
C GLU D 19 -32.55 -0.45 1.29
N ASN D 20 -33.36 -0.67 0.25
CA ASN D 20 -33.61 -2.04 -0.15
C ASN D 20 -32.37 -2.71 -0.69
N LEU D 21 -31.49 -1.95 -1.36
CA LEU D 21 -30.29 -2.56 -1.93
C LEU D 21 -29.30 -2.96 -0.85
N THR D 22 -29.13 -2.15 0.19
CA THR D 22 -28.20 -2.52 1.27
C THR D 22 -28.77 -3.60 2.15
N SER D 23 -30.09 -3.59 2.38
CA SER D 23 -30.72 -4.70 3.08
C SER D 23 -30.43 -6.02 2.38
N ALA D 24 -30.71 -6.07 1.07
CA ALA D 24 -30.49 -7.30 0.31
C ALA D 24 -29.02 -7.69 0.28
N LEU D 25 -28.13 -6.72 0.12
CA LEU D 25 -26.71 -7.04 0.02
C LEU D 25 -26.16 -7.50 1.36
N SER D 26 -26.59 -6.85 2.45
CA SER D 26 -26.22 -7.28 3.79
C SER D 26 -26.56 -8.74 4.02
N GLN D 27 -27.74 -9.17 3.59
CA GLN D 27 -28.14 -10.55 3.85
C GLN D 27 -27.34 -11.53 3.02
N ARG D 28 -27.03 -11.18 1.76
CA ARG D 28 -26.30 -12.11 0.91
C ARG D 28 -24.85 -12.26 1.36
N LEU D 29 -24.20 -11.16 1.73
CA LEU D 29 -22.80 -11.23 2.12
C LEU D 29 -22.63 -11.92 3.47
N ILE D 30 -23.57 -11.69 4.41
CA ILE D 30 -23.51 -12.36 5.70
C ILE D 30 -23.73 -13.86 5.54
N ALA D 31 -24.66 -14.24 4.65
CA ALA D 31 -24.92 -15.65 4.42
C ALA D 31 -23.71 -16.35 3.79
N ASP D 32 -23.01 -15.65 2.90
CA ASP D 32 -21.83 -16.21 2.25
C ASP D 32 -20.56 -16.05 3.08
N GLN D 33 -20.67 -15.51 4.29
CA GLN D 33 -19.54 -15.16 5.16
C GLN D 33 -18.41 -14.53 4.36
N LEU D 34 -18.72 -13.39 3.75
CA LEU D 34 -17.78 -12.59 2.98
C LEU D 34 -17.78 -11.16 3.52
N ARG D 35 -16.62 -10.51 3.45
CA ARG D 35 -16.49 -9.15 3.96
C ARG D 35 -16.14 -8.19 2.83
N LEU D 36 -16.80 -7.04 2.86
CA LEU D 36 -16.79 -6.05 1.79
C LEU D 36 -15.93 -4.85 2.17
N THR D 37 -15.29 -4.27 1.15
CA THR D 37 -14.63 -2.96 1.26
C THR D 37 -14.95 -2.17 0.00
N THR D 38 -14.86 -0.85 0.07
CA THR D 38 -15.22 0.01 -1.05
C THR D 38 -14.14 1.05 -1.31
N ALA D 39 -14.06 1.47 -2.57
CA ALA D 39 -13.15 2.53 -3.01
C ALA D 39 -13.96 3.51 -3.82
N GLU D 40 -13.97 4.79 -3.42
CA GLU D 40 -14.77 5.80 -4.08
C GLU D 40 -13.93 7.01 -4.44
N SER D 41 -14.35 7.69 -5.50
CA SER D 41 -13.78 8.98 -5.83
C SER D 41 -14.90 10.01 -5.96
N CYS D 42 -15.54 10.07 -7.13
CA CYS D 42 -16.54 11.13 -7.39
C CYS D 42 -17.74 11.01 -6.46
N THR D 43 -18.12 9.80 -6.06
CA THR D 43 -19.26 9.67 -5.15
C THR D 43 -18.93 10.10 -3.72
N GLY D 44 -17.64 10.29 -3.38
CA GLY D 44 -17.26 11.09 -2.22
C GLY D 44 -17.42 10.45 -0.85
N GLY D 45 -17.82 9.18 -0.76
CA GLY D 45 -18.16 8.59 0.52
C GLY D 45 -19.63 8.22 0.67
N LYS D 46 -20.47 8.54 -0.32
CA LYS D 46 -21.89 8.20 -0.21
C LYS D 46 -22.11 6.71 -0.32
N LEU D 47 -21.27 5.99 -1.09
CA LEU D 47 -21.39 4.54 -1.12
C LEU D 47 -21.10 3.96 0.26
N ALA D 48 -19.96 4.32 0.85
CA ALA D 48 -19.66 3.88 2.20
C ALA D 48 -20.77 4.27 3.17
N SER D 49 -21.29 5.49 3.02
CA SER D 49 -22.35 5.96 3.91
C SER D 49 -23.59 5.09 3.79
N ALA D 50 -23.95 4.71 2.57
CA ALA D 50 -25.12 3.84 2.41
C ALA D 50 -24.91 2.52 3.12
N LEU D 51 -23.71 1.96 3.01
CA LEU D 51 -23.41 0.68 3.66
C LEU D 51 -23.38 0.82 5.18
N CYS D 52 -22.82 1.92 5.70
CA CYS D 52 -22.78 2.10 7.14
C CYS D 52 -24.15 2.41 7.74
N ALA D 53 -25.14 2.77 6.91
CA ALA D 53 -26.50 2.96 7.37
C ALA D 53 -27.28 1.65 7.43
N ALA D 54 -26.70 0.56 6.93
CA ALA D 54 -27.40 -0.71 6.93
C ALA D 54 -27.40 -1.32 8.33
N GLU D 55 -28.47 -2.05 8.64
CA GLU D 55 -28.43 -2.90 9.82
C GLU D 55 -27.41 -4.01 9.61
N ASP D 56 -26.71 -4.37 10.69
CA ASP D 56 -25.71 -5.43 10.66
C ASP D 56 -24.46 -5.02 9.90
N THR D 57 -24.16 -3.72 9.82
CA THR D 57 -22.95 -3.29 9.11
C THR D 57 -21.67 -4.00 9.55
N PRO D 58 -21.35 -4.12 10.85
CA PRO D 58 -20.05 -4.69 11.23
C PRO D 58 -19.85 -6.14 10.80
N LYS D 59 -20.91 -6.87 10.47
CA LYS D 59 -20.80 -8.26 10.11
C LYS D 59 -20.48 -8.49 8.64
N PHE D 60 -20.29 -7.44 7.85
CA PHE D 60 -19.91 -7.65 6.46
C PHE D 60 -19.08 -6.51 5.89
N TYR D 61 -19.00 -5.39 6.60
CA TYR D 61 -18.31 -4.22 6.08
C TYR D 61 -17.47 -3.57 7.17
N GLY D 62 -16.28 -3.12 6.81
CA GLY D 62 -15.41 -2.50 7.79
C GLY D 62 -14.69 -1.25 7.30
N ALA D 63 -14.12 -1.30 6.08
CA ALA D 63 -13.21 -0.26 5.60
C ALA D 63 -13.72 0.34 4.31
N GLY D 64 -13.80 1.66 4.29
CA GLY D 64 -14.13 2.38 3.07
C GLY D 64 -13.06 3.40 2.80
N PHE D 65 -12.72 3.55 1.52
CA PHE D 65 -11.72 4.53 1.10
C PHE D 65 -12.33 5.55 0.17
N VAL D 66 -12.00 6.80 0.41
CA VAL D 66 -12.33 7.87 -0.51
C VAL D 66 -11.01 8.45 -1.00
N THR D 67 -10.79 8.38 -2.31
CA THR D 67 -9.52 8.80 -2.91
C THR D 67 -9.93 9.72 -4.05
N PHE D 68 -10.05 11.01 -3.73
CA PHE D 68 -10.66 11.97 -4.65
C PHE D 68 -9.67 12.45 -5.72
N THR D 69 -8.36 12.44 -5.45
CA THR D 69 -7.33 12.92 -6.36
C THR D 69 -6.57 11.75 -6.98
N ASP D 70 -5.75 12.07 -8.00
CA ASP D 70 -4.84 11.07 -8.55
C ASP D 70 -3.82 10.65 -7.50
N GLN D 71 -3.30 11.63 -6.74
CA GLN D 71 -2.31 11.35 -5.71
C GLN D 71 -2.88 10.43 -4.64
N ALA D 72 -4.13 10.66 -4.25
CA ALA D 72 -4.72 9.80 -3.22
C ALA D 72 -4.91 8.38 -3.73
N LYS D 73 -5.32 8.22 -5.01
CA LYS D 73 -5.43 6.87 -5.56
C LYS D 73 -4.08 6.16 -5.56
N MET D 74 -3.00 6.89 -5.89
CA MET D 74 -1.68 6.27 -5.93
C MET D 74 -1.21 5.90 -4.53
N LYS D 75 -1.44 6.79 -3.57
CA LYS D 75 -0.94 6.60 -2.22
C LYS D 75 -1.73 5.53 -1.47
N ILE D 76 -3.04 5.59 -1.55
CA ILE D 76 -3.88 4.77 -0.67
C ILE D 76 -4.18 3.41 -1.29
N LEU D 77 -4.42 3.37 -2.59
CA LEU D 77 -4.89 2.16 -3.25
C LEU D 77 -3.87 1.60 -4.22
N SER D 78 -2.68 2.20 -4.27
CA SER D 78 -1.57 1.69 -5.10
C SER D 78 -1.94 1.67 -6.58
N VAL D 79 -2.81 2.59 -7.00
CA VAL D 79 -3.04 2.78 -8.42
C VAL D 79 -1.75 3.27 -9.06
N SER D 80 -1.35 2.66 -10.17
CA SER D 80 -0.06 3.00 -10.73
C SER D 80 -0.10 4.34 -11.44
N GLN D 81 0.98 5.11 -11.32
CA GLN D 81 1.07 6.37 -12.05
C GLN D 81 1.03 6.14 -13.56
N GLN D 82 1.68 5.07 -14.04
CA GLN D 82 1.60 4.75 -15.47
C GLN D 82 0.15 4.62 -15.93
N SER D 83 -0.69 3.98 -15.13
CA SER D 83 -2.09 3.79 -15.52
C SER D 83 -2.83 5.12 -15.61
N LEU D 84 -2.61 6.01 -14.65
CA LEU D 84 -3.31 7.28 -14.64
C LEU D 84 -2.89 8.15 -15.82
N GLU D 85 -1.59 8.14 -16.19
CA GLU D 85 -1.15 8.93 -17.33
C GLU D 85 -1.69 8.36 -18.63
N ARG D 86 -1.77 7.04 -18.73
CA ARG D 86 -2.19 6.39 -19.97
C ARG D 86 -3.68 6.55 -20.19
N TYR D 87 -4.49 6.22 -19.18
CA TYR D 87 -5.92 6.08 -19.35
C TYR D 87 -6.78 7.07 -18.57
N SER D 88 -6.18 7.89 -17.69
CA SER D 88 -6.86 8.81 -16.79
C SER D 88 -7.54 8.07 -15.64
N ALA D 89 -7.95 8.84 -14.62
CA ALA D 89 -8.56 8.28 -13.43
C ALA D 89 -9.92 7.67 -13.70
N VAL D 90 -10.60 8.10 -14.75
CA VAL D 90 -11.93 7.59 -15.10
C VAL D 90 -11.68 6.59 -16.22
N SER D 91 -11.40 5.34 -15.83
CA SER D 91 -10.98 4.36 -16.81
C SER D 91 -11.25 2.98 -16.24
N GLU D 92 -11.38 2.03 -17.15
CA GLU D 92 -11.50 0.63 -16.76
C GLU D 92 -10.31 0.20 -15.92
N LYS D 93 -9.09 0.49 -16.40
CA LYS D 93 -7.87 0.08 -15.72
C LYS D 93 -7.82 0.60 -14.29
N VAL D 94 -8.11 1.89 -14.10
CA VAL D 94 -7.99 2.50 -12.79
C VAL D 94 -9.12 2.03 -11.88
N ALA D 95 -10.32 1.81 -12.43
CA ALA D 95 -11.39 1.22 -11.60
C ALA D 95 -10.95 -0.11 -11.03
N ALA D 96 -10.42 -1.00 -11.89
CA ALA D 96 -9.98 -2.32 -11.47
C ALA D 96 -8.85 -2.24 -10.46
N GLU D 97 -7.95 -1.28 -10.64
CA GLU D 97 -6.84 -1.10 -9.71
C GLU D 97 -7.32 -0.61 -8.34
N MET D 98 -8.33 0.26 -8.33
CA MET D 98 -8.92 0.69 -7.06
C MET D 98 -9.57 -0.48 -6.34
N ALA D 99 -10.26 -1.36 -7.08
CA ALA D 99 -10.95 -2.48 -6.45
C ALA D 99 -9.96 -3.47 -5.87
N THR D 100 -8.84 -3.74 -6.56
CA THR D 100 -7.84 -4.65 -6.02
C THR D 100 -7.02 -3.98 -4.90
N GLY D 101 -6.72 -2.69 -5.05
CA GLY D 101 -6.06 -1.96 -3.98
C GLY D 101 -6.85 -1.98 -2.68
N ALA D 102 -8.18 -1.86 -2.78
CA ALA D 102 -9.01 -1.85 -1.57
C ALA D 102 -9.01 -3.22 -0.90
N ILE D 103 -9.05 -4.28 -1.71
CA ILE D 103 -8.92 -5.64 -1.16
C ILE D 103 -7.62 -5.78 -0.41
N GLU D 104 -6.52 -5.28 -0.98
CA GLU D 104 -5.20 -5.43 -0.35
C GLU D 104 -5.14 -4.69 0.98
N ARG D 105 -5.59 -3.44 1.00
CA ARG D 105 -5.47 -2.61 2.20
C ARG D 105 -6.37 -3.12 3.32
N ALA D 106 -7.56 -3.59 2.98
CA ALA D 106 -8.55 -3.91 4.02
C ALA D 106 -8.53 -5.37 4.42
N ASP D 107 -7.86 -6.23 3.66
CA ASP D 107 -7.90 -7.67 3.87
C ASP D 107 -9.33 -8.18 3.81
N ALA D 108 -10.03 -7.81 2.74
CA ALA D 108 -11.43 -8.16 2.55
C ALA D 108 -11.55 -9.16 1.40
N ASP D 109 -12.77 -9.62 1.18
CA ASP D 109 -13.06 -10.63 0.17
C ASP D 109 -13.70 -10.06 -1.09
N VAL D 110 -14.62 -9.10 -0.93
CA VAL D 110 -15.35 -8.47 -2.02
C VAL D 110 -15.07 -6.98 -1.98
N SER D 111 -14.97 -6.35 -3.16
CA SER D 111 -14.86 -4.90 -3.18
C SER D 111 -15.68 -4.31 -4.33
N ILE D 112 -15.97 -3.01 -4.19
CA ILE D 112 -16.62 -2.18 -5.20
C ILE D 112 -15.76 -0.96 -5.38
N ALA D 113 -15.51 -0.57 -6.64
CA ALA D 113 -14.83 0.69 -6.94
C ALA D 113 -15.68 1.53 -7.87
N ILE D 114 -15.73 2.85 -7.61
CA ILE D 114 -16.47 3.80 -8.44
C ILE D 114 -15.53 4.97 -8.79
N THR D 115 -15.34 5.21 -10.08
CA THR D 115 -14.62 6.40 -10.53
C THR D 115 -15.28 6.93 -11.78
N GLY D 116 -15.69 8.20 -11.76
CA GLY D 116 -16.42 8.75 -12.91
C GLY D 116 -16.47 10.26 -12.88
N TYR D 117 -17.20 10.82 -13.86
CA TYR D 117 -17.40 12.26 -14.02
C TYR D 117 -18.86 12.59 -13.68
N GLY D 118 -19.08 13.16 -12.50
CA GLY D 118 -20.43 13.57 -12.14
C GLY D 118 -20.99 14.64 -13.07
N GLY D 119 -20.15 15.60 -13.44
CA GLY D 119 -20.59 16.71 -14.30
C GLY D 119 -20.58 18.05 -13.58
N PRO D 120 -20.72 19.14 -14.34
CA PRO D 120 -20.99 19.15 -15.78
C PRO D 120 -19.77 18.87 -16.66
N GLU D 121 -18.58 18.98 -16.09
CA GLU D 121 -17.38 18.82 -16.89
C GLU D 121 -17.03 17.35 -17.07
N GLY D 122 -16.44 17.03 -18.22
CA GLY D 122 -15.89 15.73 -18.49
C GLY D 122 -14.38 15.72 -18.37
N GLY D 123 -13.76 14.77 -19.06
CA GLY D 123 -12.31 14.65 -19.03
C GLY D 123 -11.63 15.42 -20.15
N GLU D 124 -10.43 15.92 -19.84
CA GLU D 124 -9.64 16.60 -20.86
C GLU D 124 -9.23 15.64 -21.97
N ASP D 125 -9.30 14.33 -21.74
CA ASP D 125 -9.10 13.34 -22.78
C ASP D 125 -10.30 13.23 -23.72
N GLY D 126 -11.40 13.93 -23.45
CA GLY D 126 -12.60 13.83 -24.25
C GLY D 126 -13.69 12.95 -23.67
N THR D 127 -13.39 12.13 -22.66
CA THR D 127 -14.43 11.34 -22.01
C THR D 127 -15.54 12.27 -21.51
N PRO D 128 -16.79 12.02 -21.85
CA PRO D 128 -17.85 12.97 -21.54
C PRO D 128 -18.35 12.88 -20.11
N ALA D 129 -18.98 13.98 -19.67
CA ALA D 129 -19.67 13.98 -18.38
C ALA D 129 -20.70 12.84 -18.33
N GLY D 130 -20.91 12.32 -17.11
CA GLY D 130 -21.82 11.20 -16.90
C GLY D 130 -21.19 9.83 -17.07
N THR D 131 -19.96 9.75 -17.57
CA THR D 131 -19.28 8.45 -17.71
C THR D 131 -18.82 7.97 -16.34
N VAL D 132 -19.25 6.77 -15.93
CA VAL D 132 -18.78 6.21 -14.66
C VAL D 132 -18.29 4.79 -14.90
N TRP D 133 -17.07 4.51 -14.46
CA TRP D 133 -16.50 3.19 -14.52
C TRP D 133 -16.63 2.49 -13.18
N PHE D 134 -16.93 1.20 -13.22
CA PHE D 134 -17.16 0.41 -12.03
C PHE D 134 -16.27 -0.81 -12.09
N ALA D 135 -15.84 -1.28 -10.91
CA ALA D 135 -15.20 -2.58 -10.81
C ALA D 135 -15.70 -3.25 -9.53
N TRP D 136 -15.82 -4.57 -9.60
CA TRP D 136 -16.20 -5.39 -8.44
C TRP D 136 -15.24 -6.57 -8.37
N HIS D 137 -14.70 -6.80 -7.18
CA HIS D 137 -13.80 -7.93 -6.95
C HIS D 137 -14.55 -8.99 -6.14
N ILE D 138 -14.63 -10.20 -6.68
CA ILE D 138 -15.35 -11.31 -6.07
C ILE D 138 -14.55 -12.59 -6.28
N LYS D 139 -14.28 -13.31 -5.18
CA LYS D 139 -13.63 -14.61 -5.23
C LYS D 139 -12.44 -14.61 -6.20
N GLY D 140 -11.57 -13.62 -6.05
CA GLY D 140 -10.35 -13.56 -6.83
C GLY D 140 -10.47 -13.05 -8.25
N GLN D 141 -11.67 -12.78 -8.73
CA GLN D 141 -11.90 -12.29 -10.08
C GLN D 141 -12.41 -10.86 -10.04
N ASN D 142 -11.95 -10.04 -10.99
CA ASN D 142 -12.41 -8.66 -11.10
C ASN D 142 -13.35 -8.54 -12.29
N TYR D 143 -14.40 -7.74 -12.11
CA TYR D 143 -15.38 -7.42 -13.14
C TYR D 143 -15.41 -5.91 -13.31
N THR D 144 -15.69 -5.44 -14.53
CA THR D 144 -15.74 -4.01 -14.78
C THR D 144 -16.95 -3.69 -15.65
N ALA D 145 -17.44 -2.46 -15.52
CA ALA D 145 -18.51 -2.00 -16.39
C ALA D 145 -18.46 -0.48 -16.47
N VAL D 146 -18.86 0.05 -17.62
CA VAL D 146 -19.00 1.48 -17.82
C VAL D 146 -20.47 1.79 -18.05
N MET D 147 -20.91 2.93 -17.51
CA MET D 147 -22.22 3.49 -17.80
C MET D 147 -22.05 4.94 -18.20
N HIS D 148 -23.01 5.45 -18.97
CA HIS D 148 -23.06 6.85 -19.39
C HIS D 148 -24.42 7.38 -18.96
N PHE D 149 -24.47 7.95 -17.76
CA PHE D 149 -25.72 8.42 -17.19
C PHE D 149 -26.06 9.81 -17.71
N ALA D 150 -27.33 10.03 -18.05
CA ALA D 150 -27.82 11.37 -18.29
C ALA D 150 -28.19 12.03 -16.97
N GLY D 151 -28.39 13.34 -17.02
CA GLY D 151 -28.74 14.13 -15.84
C GLY D 151 -27.59 14.98 -15.36
N ASP D 152 -27.88 15.79 -14.34
CA ASP D 152 -26.87 16.65 -13.73
C ASP D 152 -26.04 15.85 -12.73
N CYS D 153 -25.12 16.56 -12.06
CA CYS D 153 -24.14 15.86 -11.22
C CYS D 153 -24.81 15.10 -10.08
N GLU D 154 -25.80 15.71 -9.43
CA GLU D 154 -26.46 15.03 -8.32
C GLU D 154 -27.17 13.77 -8.79
N THR D 155 -27.87 13.85 -9.92
CA THR D 155 -28.50 12.67 -10.52
C THR D 155 -27.48 11.59 -10.85
N VAL D 156 -26.40 11.97 -11.54
CA VAL D 156 -25.41 10.97 -11.98
C VAL D 156 -24.81 10.25 -10.78
N LEU D 157 -24.44 10.99 -9.73
CA LEU D 157 -23.79 10.35 -8.59
C LEU D 157 -24.76 9.45 -7.83
N ALA D 158 -26.04 9.81 -7.77
CA ALA D 158 -27.02 8.95 -7.13
C ALA D 158 -27.24 7.66 -7.91
N LEU D 159 -27.37 7.77 -9.23
CA LEU D 159 -27.46 6.58 -10.08
C LEU D 159 -26.24 5.69 -9.90
N ALA D 160 -25.06 6.30 -9.79
CA ALA D 160 -23.82 5.53 -9.65
C ALA D 160 -23.82 4.67 -8.38
N VAL D 161 -24.22 5.24 -7.25
CA VAL D 161 -24.20 4.48 -6.01
C VAL D 161 -25.20 3.33 -6.08
N ARG D 162 -26.44 3.61 -6.53
CA ARG D 162 -27.43 2.55 -6.66
C ARG D 162 -26.97 1.46 -7.62
N PHE D 163 -26.39 1.86 -8.75
CA PHE D 163 -25.98 0.87 -9.74
C PHE D 163 -24.85 0.00 -9.21
N ALA D 164 -23.90 0.61 -8.50
CA ALA D 164 -22.81 -0.14 -7.89
C ALA D 164 -23.35 -1.25 -6.98
N LEU D 165 -24.36 -0.92 -6.17
CA LEU D 165 -24.92 -1.91 -5.25
C LEU D 165 -25.77 -2.94 -6.00
N ALA D 166 -26.62 -2.48 -6.91
CA ALA D 166 -27.52 -3.40 -7.63
C ALA D 166 -26.73 -4.39 -8.48
N GLN D 167 -25.63 -3.95 -9.09
CA GLN D 167 -24.90 -4.85 -9.96
C GLN D 167 -24.11 -5.87 -9.16
N LEU D 168 -23.62 -5.49 -7.98
CA LEU D 168 -22.94 -6.47 -7.15
C LEU D 168 -23.90 -7.58 -6.74
N LEU D 169 -25.16 -7.25 -6.48
CA LEU D 169 -26.16 -8.28 -6.20
C LEU D 169 -26.26 -9.30 -7.33
N GLN D 170 -26.35 -8.81 -8.57
CA GLN D 170 -26.37 -9.71 -9.73
C GLN D 170 -25.09 -10.52 -9.80
N LEU D 171 -23.96 -9.88 -9.51
CA LEU D 171 -22.66 -10.55 -9.56
C LEU D 171 -22.32 -11.42 -8.35
N LEU D 172 -23.27 -11.67 -7.46
CA LEU D 172 -22.97 -12.50 -6.32
C LEU D 172 -23.74 -13.81 -6.44
#